data_5OMA
#
_entry.id   5OMA
#
_cell.length_a   123.251
_cell.length_b   123.251
_cell.length_c   162.447
_cell.angle_alpha   90.000
_cell.angle_beta   90.000
_cell.angle_gamma   90.000
#
_symmetry.space_group_name_H-M   'P 41 21 2'
#
loop_
_entity.id
_entity.type
_entity.pdbx_description
1 polymer '14-3-3 protein sigma,Steroidogenic acute regulatory protein, mitochondrial'
2 polymer 'Undetermined peptide'
3 non-polymer 2-AMINO-2-HYDROXYMETHYL-PROPANE-1,3-DIOL
4 non-polymer 'PHOSPHATE ION'
5 non-polymer 'SULFATE ION'
6 water water
#
loop_
_entity_poly.entity_id
_entity_poly.type
_entity_poly.pdbx_seq_one_letter_code
_entity_poly.pdbx_strand_id
1 'polypeptide(L)'
;GPHMERASLIQKAKLAEQAERYEDMAAFMKGAVEKGEELSCEERNLLSVAYKNVVGGQRAAWRVLSSIEQKSNEEGSAAA
GPEVREYREKVETELQGVCDTVLGLLDSHLIKEAGDAESRVFYLKMKGDYYRYLAEVATGDDKKRIIDSARSAYQEAMDI
SKKEMPPTNPIRLGLALNFSVFHYEIANSPEEAISLAKTTFDEAMADLHTLSEDSYKDSTLIMQLLRDNLTLWTGSG
(SEP)LRRS(SEP)LLGSR
;
A,B,C,D
2 'polypeptide(L)' (UNK)(UNK)(UNK)(UNK) H
#
loop_
_chem_comp.id
_chem_comp.type
_chem_comp.name
_chem_comp.formula
PO4 non-polymer 'PHOSPHATE ION' 'O4 P -3'
SO4 non-polymer 'SULFATE ION' 'O4 S -2'
TRS non-polymer 2-AMINO-2-HYDROXYMETHYL-PROPANE-1,3-DIOL 'C4 H12 N O3 1'
#
# COMPACT_ATOMS: atom_id res chain seq x y z
N MET A 4 35.67 -2.42 35.60
CA MET A 4 35.96 -1.01 35.34
C MET A 4 34.72 -0.12 35.20
N GLU A 5 34.95 1.20 35.17
CA GLU A 5 33.95 2.25 34.96
C GLU A 5 33.10 1.79 33.80
N ARG A 6 33.83 1.36 32.76
CA ARG A 6 33.26 0.79 31.56
C ARG A 6 32.39 -0.44 31.83
N ALA A 7 32.84 -1.41 32.66
CA ALA A 7 32.05 -2.60 33.01
C ALA A 7 30.74 -2.25 33.73
N SER A 8 30.76 -1.21 34.58
CA SER A 8 29.57 -0.74 35.31
C SER A 8 28.59 -0.12 34.35
N LEU A 9 29.07 0.77 33.46
CA LEU A 9 28.24 1.43 32.44
C LEU A 9 27.53 0.43 31.53
N ILE A 10 28.23 -0.63 31.14
CA ILE A 10 27.69 -1.71 30.29
C ILE A 10 26.64 -2.48 31.06
N GLN A 11 26.92 -2.82 32.33
CA GLN A 11 26.00 -3.54 33.19
C GLN A 11 24.69 -2.72 33.35
N LYS A 12 24.83 -1.39 33.60
CA LYS A 12 23.72 -0.47 33.77
C LYS A 12 22.91 -0.30 32.51
N ALA A 13 23.57 -0.32 31.34
CA ALA A 13 22.87 -0.23 30.06
C ALA A 13 21.95 -1.46 29.90
N LYS A 14 22.42 -2.65 30.33
CA LYS A 14 21.62 -3.86 30.28
C LYS A 14 20.42 -3.77 31.21
N LEU A 15 20.60 -3.17 32.40
CA LEU A 15 19.51 -2.98 33.36
C LEU A 15 18.49 -1.99 32.81
N ALA A 16 18.94 -0.91 32.17
CA ALA A 16 18.05 0.08 31.57
C ALA A 16 17.23 -0.54 30.45
N GLU A 17 17.80 -1.48 29.69
CA GLU A 17 17.07 -2.20 28.63
C GLU A 17 15.93 -3.01 29.23
N GLN A 18 16.18 -3.65 30.38
CA GLN A 18 15.17 -4.44 31.07
C GLN A 18 14.10 -3.58 31.71
N ALA A 19 14.46 -2.35 32.14
CA ALA A 19 13.55 -1.37 32.74
C ALA A 19 12.88 -0.48 31.68
N GLU A 20 13.25 -0.67 30.39
CA GLU A 20 12.74 0.07 29.23
C GLU A 20 12.96 1.59 29.36
N ARG A 21 14.12 1.97 29.92
CA ARG A 21 14.55 3.36 30.10
C ARG A 21 15.62 3.59 29.03
N TYR A 22 15.18 3.81 27.80
CA TYR A 22 16.06 3.89 26.65
C TYR A 22 16.91 5.13 26.62
N GLU A 23 16.40 6.23 27.16
CA GLU A 23 17.17 7.46 27.25
C GLU A 23 18.41 7.20 28.12
N ASP A 24 18.23 6.50 29.27
CA ASP A 24 19.30 6.17 30.21
C ASP A 24 20.24 5.17 29.57
N MET A 25 19.68 4.17 28.83
CA MET A 25 20.44 3.16 28.12
C MET A 25 21.42 3.79 27.13
N ALA A 26 20.93 4.78 26.36
CA ALA A 26 21.70 5.57 25.42
C ALA A 26 22.83 6.29 26.15
N ALA A 27 22.52 6.99 27.25
CA ALA A 27 23.52 7.71 28.05
C ALA A 27 24.64 6.80 28.56
N PHE A 28 24.30 5.59 29.00
CA PHE A 28 25.29 4.61 29.51
C PHE A 28 26.20 4.10 28.39
N MET A 29 25.60 3.82 27.22
CA MET A 29 26.33 3.35 26.05
C MET A 29 27.27 4.44 25.49
N LYS A 30 26.79 5.70 25.50
CA LYS A 30 27.60 6.86 25.09
C LYS A 30 28.84 6.94 25.97
N GLY A 31 28.64 6.87 27.28
CA GLY A 31 29.72 6.92 28.25
C GLY A 31 30.72 5.80 28.10
N ALA A 32 30.21 4.59 27.76
CA ALA A 32 31.04 3.40 27.58
C ALA A 32 31.90 3.52 26.30
N VAL A 33 31.29 4.05 25.21
CA VAL A 33 32.00 4.31 23.95
C VAL A 33 33.16 5.25 24.24
N GLU A 34 32.87 6.31 25.00
CA GLU A 34 33.81 7.36 25.39
C GLU A 34 34.99 6.87 26.20
N LYS A 35 34.99 5.59 26.63
CA LYS A 35 36.13 5.02 27.33
C LYS A 35 37.22 4.69 26.33
N GLY A 36 36.86 4.71 25.05
CA GLY A 36 37.78 4.45 23.96
C GLY A 36 38.13 3.01 23.71
N GLU A 37 37.24 2.10 24.12
CA GLU A 37 37.44 0.69 23.86
C GLU A 37 36.58 0.34 22.70
N GLU A 38 36.99 -0.68 21.93
CA GLU A 38 36.19 -1.13 20.80
C GLU A 38 34.96 -1.84 21.33
N LEU A 39 33.82 -1.74 20.61
CA LEU A 39 32.61 -2.42 21.04
C LEU A 39 32.59 -3.83 20.50
N SER A 40 32.24 -4.79 21.37
CA SER A 40 32.05 -6.18 20.97
C SER A 40 30.72 -6.23 20.23
N CYS A 41 30.40 -7.38 19.64
CA CYS A 41 29.18 -7.54 18.89
C CYS A 41 27.93 -7.26 19.71
N GLU A 42 27.87 -7.82 20.94
CA GLU A 42 26.80 -7.62 21.91
C GLU A 42 26.64 -6.13 22.26
N GLU A 43 27.78 -5.44 22.51
CA GLU A 43 27.84 -4.03 22.87
C GLU A 43 27.35 -3.08 21.76
N ARG A 44 27.69 -3.38 20.48
CA ARG A 44 27.25 -2.60 19.32
C ARG A 44 25.74 -2.62 19.25
N ASN A 45 25.16 -3.80 19.48
CA ASN A 45 23.73 -4.00 19.47
C ASN A 45 23.02 -3.27 20.59
N LEU A 46 23.64 -3.20 21.78
CA LEU A 46 23.07 -2.44 22.91
C LEU A 46 23.06 -0.96 22.54
N LEU A 47 24.17 -0.46 21.93
CA LEU A 47 24.26 0.92 21.52
C LEU A 47 23.18 1.26 20.49
N SER A 48 23.03 0.37 19.53
CA SER A 48 22.08 0.53 18.46
C SER A 48 20.65 0.53 18.97
N VAL A 49 20.27 -0.43 19.80
CA VAL A 49 18.93 -0.54 20.40
C VAL A 49 18.57 0.71 21.16
N ALA A 50 19.49 1.18 22.01
CA ALA A 50 19.24 2.35 22.82
C ALA A 50 18.82 3.55 21.96
N TYR A 51 19.70 3.92 21.04
CA TYR A 51 19.44 5.07 20.19
C TYR A 51 18.33 4.85 19.19
N LYS A 52 18.15 3.59 18.71
CA LYS A 52 17.06 3.31 17.79
C LYS A 52 15.70 3.56 18.40
N ASN A 53 15.52 3.15 19.68
CA ASN A 53 14.28 3.33 20.42
C ASN A 53 13.96 4.78 20.70
N VAL A 54 14.99 5.53 21.09
CA VAL A 54 14.90 6.95 21.40
C VAL A 54 14.45 7.72 20.16
N VAL A 55 15.19 7.56 19.05
CA VAL A 55 14.91 8.27 17.83
C VAL A 55 13.57 7.83 17.22
N GLY A 56 13.27 6.53 17.35
CA GLY A 56 12.03 5.93 16.86
C GLY A 56 10.79 6.63 17.42
N GLY A 57 10.80 6.85 18.73
CA GLY A 57 9.74 7.53 19.42
C GLY A 57 9.59 8.98 19.00
N GLN A 58 10.71 9.67 18.76
CA GLN A 58 10.68 11.05 18.33
C GLN A 58 10.15 11.18 16.90
N ARG A 59 10.55 10.25 16.00
CA ARG A 59 10.12 10.27 14.60
C ARG A 59 8.64 10.02 14.50
N ALA A 60 8.13 9.04 15.28
CA ALA A 60 6.71 8.66 15.32
C ALA A 60 5.86 9.85 15.74
N ALA A 61 6.29 10.56 16.80
CA ALA A 61 5.63 11.75 17.29
C ALA A 61 5.67 12.90 16.27
N TRP A 62 6.83 13.12 15.64
CA TRP A 62 6.99 14.15 14.60
C TRP A 62 6.01 13.91 13.46
N ARG A 63 5.84 12.65 13.04
CA ARG A 63 4.92 12.28 11.96
C ARG A 63 3.50 12.58 12.31
N VAL A 64 3.08 12.24 13.54
CA VAL A 64 1.74 12.53 14.06
C VAL A 64 1.47 14.05 14.00
N LEU A 65 2.41 14.86 14.52
CA LEU A 65 2.29 16.32 14.55
C LEU A 65 2.31 16.95 13.16
N SER A 66 3.26 16.51 12.32
CA SER A 66 3.39 17.00 10.95
C SER A 66 2.09 16.70 10.21
N SER A 67 1.50 15.50 10.43
CA SER A 67 0.22 15.08 9.85
C SER A 67 -0.90 16.00 10.27
N ILE A 68 -0.96 16.39 11.55
CA ILE A 68 -1.98 17.33 12.07
C ILE A 68 -1.80 18.70 11.45
N GLU A 69 -0.55 19.18 11.40
CA GLU A 69 -0.20 20.45 10.78
C GLU A 69 -0.66 20.53 9.31
N GLN A 70 -0.60 19.40 8.57
CA GLN A 70 -1.01 19.33 7.17
C GLN A 70 -2.51 19.20 6.96
N LYS A 71 -3.22 18.52 7.88
CA LYS A 71 -4.68 18.35 7.77
C LYS A 71 -5.48 19.57 8.22
N SER A 72 -4.78 20.59 8.82
CA SER A 72 -5.37 21.86 9.25
C SER A 72 -5.25 22.93 8.15
N ASN A 73 -4.19 22.82 7.33
CA ASN A 73 -3.89 23.70 6.18
C ASN A 73 -4.73 23.24 4.95
N GLU A 74 -5.56 22.17 5.09
CA GLU A 74 -6.43 21.61 4.05
C GLU A 74 -7.80 22.25 4.08
N GLU A 75 -8.50 22.25 2.91
CA GLU A 75 -9.84 22.80 2.73
C GLU A 75 -10.86 22.11 3.68
N GLY A 76 -11.56 22.94 4.45
CA GLY A 76 -12.56 22.51 5.42
C GLY A 76 -12.25 22.95 6.86
N SER A 77 -11.15 22.42 7.42
CA SER A 77 -10.68 22.69 8.79
C SER A 77 -9.90 23.99 8.87
N GLY A 81 -4.61 27.58 14.84
CA GLY A 81 -3.57 28.35 15.52
C GLY A 81 -2.15 27.88 15.27
N PRO A 82 -1.14 28.75 15.60
CA PRO A 82 0.28 28.38 15.39
C PRO A 82 0.90 27.43 16.43
N GLU A 83 0.12 26.96 17.40
CA GLU A 83 0.60 26.07 18.48
C GLU A 83 1.15 24.73 17.98
N VAL A 84 0.54 24.18 16.90
CA VAL A 84 0.93 22.93 16.26
C VAL A 84 2.34 23.06 15.70
N ARG A 85 2.62 24.15 14.96
CA ARG A 85 3.93 24.41 14.38
C ARG A 85 4.98 24.52 15.46
N GLU A 86 4.74 25.32 16.51
CA GLU A 86 5.70 25.49 17.61
C GLU A 86 6.09 24.16 18.27
N TYR A 87 5.10 23.29 18.51
CA TYR A 87 5.35 22.02 19.16
C TYR A 87 6.02 21.03 18.22
N ARG A 88 5.66 21.06 16.93
CA ARG A 88 6.28 20.21 15.93
C ARG A 88 7.76 20.58 15.80
N GLU A 89 8.06 21.88 15.89
CA GLU A 89 9.43 22.41 15.86
C GLU A 89 10.22 21.95 17.07
N LYS A 90 9.58 21.93 18.27
CA LYS A 90 10.22 21.46 19.51
C LYS A 90 10.66 20.02 19.33
N VAL A 91 9.75 19.15 18.83
CA VAL A 91 10.02 17.73 18.62
C VAL A 91 11.13 17.55 17.63
N GLU A 92 11.06 18.30 16.52
CA GLU A 92 12.06 18.31 15.44
C GLU A 92 13.47 18.62 15.98
N THR A 93 13.59 19.71 16.78
CA THR A 93 14.83 20.18 17.39
C THR A 93 15.44 19.13 18.31
N GLU A 94 14.59 18.49 19.12
CA GLU A 94 14.99 17.43 20.05
C GLU A 94 15.59 16.25 19.32
N LEU A 95 14.91 15.85 18.23
CA LEU A 95 15.29 14.75 17.34
C LEU A 95 16.66 15.04 16.70
N GLN A 96 16.87 16.28 16.23
CA GLN A 96 18.13 16.70 15.62
C GLN A 96 19.27 16.57 16.58
N GLY A 97 19.05 16.94 17.85
CA GLY A 97 20.03 16.83 18.91
C GLY A 97 20.56 15.41 19.10
N VAL A 98 19.62 14.42 19.08
CA VAL A 98 19.92 12.97 19.19
C VAL A 98 20.75 12.49 18.01
N CYS A 99 20.32 12.81 16.78
CA CYS A 99 21.04 12.42 15.57
C CYS A 99 22.43 12.99 15.54
N ASP A 100 22.58 14.27 15.91
CA ASP A 100 23.88 14.93 15.93
C ASP A 100 24.80 14.26 16.93
N THR A 101 24.24 13.88 18.11
CA THR A 101 24.97 13.14 19.15
C THR A 101 25.49 11.78 18.62
N VAL A 102 24.59 11.02 17.94
CA VAL A 102 24.90 9.72 17.35
C VAL A 102 25.97 9.86 16.30
N LEU A 103 25.80 10.78 15.35
CA LEU A 103 26.78 11.01 14.30
C LEU A 103 28.12 11.50 14.82
N GLY A 104 28.05 12.29 15.91
CA GLY A 104 29.21 12.78 16.64
C GLY A 104 30.01 11.64 17.23
N LEU A 105 29.31 10.59 17.72
CA LEU A 105 29.94 9.38 18.27
C LEU A 105 30.51 8.45 17.21
N LEU A 106 29.83 8.33 16.09
CA LEU A 106 30.31 7.52 15.00
C LEU A 106 31.56 8.14 14.42
N ASP A 107 31.58 9.47 14.24
CA ASP A 107 32.77 10.16 13.71
C ASP A 107 33.94 10.12 14.74
N SER A 108 33.67 10.62 15.95
CA SER A 108 34.58 10.66 17.09
C SER A 108 33.88 9.73 18.11
N HIS A 109 34.19 8.44 18.14
CA HIS A 109 35.32 7.72 17.61
C HIS A 109 34.93 6.23 17.42
N LEU A 110 33.85 5.90 16.70
CA LEU A 110 33.53 4.50 16.42
C LEU A 110 34.04 4.07 15.07
N ILE A 111 33.79 4.89 14.04
CA ILE A 111 34.20 4.57 12.69
C ILE A 111 35.73 4.45 12.58
N LYS A 112 36.48 5.54 12.87
CA LYS A 112 37.95 5.63 12.78
C LYS A 112 38.71 4.69 13.73
N GLU A 113 38.03 4.24 14.81
CA GLU A 113 38.48 3.34 15.90
C GLU A 113 38.24 1.82 15.60
N ALA A 114 37.29 1.45 14.67
CA ALA A 114 37.00 0.06 14.26
C ALA A 114 38.10 -0.49 13.27
N GLY A 115 38.56 -1.73 13.48
CA GLY A 115 39.63 -2.35 12.66
C GLY A 115 39.15 -3.22 11.54
N ASP A 116 38.38 -4.26 11.89
CA ASP A 116 37.84 -5.22 10.92
C ASP A 116 36.69 -4.62 10.08
N ALA A 117 36.44 -5.24 8.93
CA ALA A 117 35.49 -4.79 7.94
C ALA A 117 34.02 -4.83 8.36
N GLU A 118 33.57 -5.91 9.06
CA GLU A 118 32.19 -6.10 9.51
C GLU A 118 31.69 -4.96 10.35
N SER A 119 32.49 -4.55 11.32
CA SER A 119 32.15 -3.51 12.26
C SER A 119 32.30 -2.17 11.59
N ARG A 120 33.26 -2.02 10.66
CA ARG A 120 33.40 -0.76 9.91
C ARG A 120 32.14 -0.49 9.06
N VAL A 121 31.58 -1.55 8.42
CA VAL A 121 30.35 -1.48 7.61
C VAL A 121 29.13 -1.16 8.50
N PHE A 122 29.02 -1.81 9.67
CA PHE A 122 27.95 -1.63 10.68
C PHE A 122 27.82 -0.17 11.07
N TYR A 123 28.97 0.48 11.37
CA TYR A 123 29.02 1.88 11.77
C TYR A 123 28.74 2.85 10.64
N LEU A 124 29.20 2.56 9.42
CA LEU A 124 28.93 3.42 8.25
C LEU A 124 27.47 3.35 7.84
N LYS A 125 26.88 2.14 7.94
CA LYS A 125 25.46 1.95 7.70
C LYS A 125 24.69 2.81 8.71
N MET A 126 25.07 2.74 10.03
CA MET A 126 24.47 3.55 11.09
C MET A 126 24.59 5.04 10.79
N LYS A 127 25.74 5.47 10.25
CA LYS A 127 25.98 6.85 9.82
C LYS A 127 25.02 7.28 8.70
N GLY A 128 24.78 6.39 7.73
CA GLY A 128 23.81 6.70 6.68
C GLY A 128 22.40 6.79 7.23
N ASP A 129 22.06 5.83 8.12
CA ASP A 129 20.78 5.75 8.80
C ASP A 129 20.46 7.03 9.53
N TYR A 130 21.41 7.58 10.29
CA TYR A 130 21.13 8.78 11.09
C TYR A 130 21.12 10.08 10.27
N TYR A 131 21.86 10.14 9.16
CA TYR A 131 21.76 11.28 8.24
C TYR A 131 20.42 11.21 7.53
N ARG A 132 19.98 9.98 7.19
CA ARG A 132 18.68 9.73 6.59
C ARG A 132 17.55 10.20 7.53
N TYR A 133 17.71 10.02 8.85
CA TYR A 133 16.71 10.50 9.80
C TYR A 133 16.66 12.00 9.84
N LEU A 134 17.83 12.65 9.75
CA LEU A 134 17.87 14.12 9.69
C LEU A 134 17.18 14.64 8.41
N ALA A 135 17.33 13.87 7.31
CA ALA A 135 16.77 14.22 6.02
C ALA A 135 15.27 14.10 6.04
N GLU A 136 14.71 13.14 6.80
CA GLU A 136 13.27 12.97 6.90
C GLU A 136 12.53 14.28 7.28
N VAL A 137 13.19 15.14 8.11
CA VAL A 137 12.62 16.38 8.65
C VAL A 137 13.16 17.67 8.05
N ALA A 138 14.32 17.64 7.39
CA ALA A 138 14.95 18.86 6.87
C ALA A 138 14.19 19.48 5.70
N THR A 139 14.18 20.83 5.61
CA THR A 139 13.40 21.49 4.56
C THR A 139 14.12 22.51 3.68
N GLY A 140 15.05 23.25 4.24
CA GLY A 140 15.73 24.31 3.49
C GLY A 140 16.74 23.87 2.47
N ASP A 141 17.76 24.73 2.26
CA ASP A 141 18.90 24.48 1.39
C ASP A 141 19.71 23.32 1.99
N ASP A 142 19.53 23.13 3.30
CA ASP A 142 20.17 22.10 4.08
C ASP A 142 19.79 20.69 3.66
N LYS A 143 18.61 20.49 3.11
CA LYS A 143 18.16 19.17 2.70
C LYS A 143 19.13 18.42 1.82
N LYS A 144 19.57 19.12 0.78
CA LYS A 144 20.46 18.58 -0.24
C LYS A 144 21.77 18.05 0.33
N ARG A 145 22.44 18.86 1.17
CA ARG A 145 23.70 18.52 1.83
C ARG A 145 23.53 17.23 2.64
N ILE A 146 22.50 17.22 3.49
CA ILE A 146 22.16 16.11 4.36
C ILE A 146 21.90 14.84 3.55
N ILE A 147 21.07 14.93 2.49
CA ILE A 147 20.77 13.78 1.62
C ILE A 147 22.09 13.21 1.08
N ASP A 148 23.00 14.11 0.68
CA ASP A 148 24.29 13.73 0.13
C ASP A 148 25.23 13.10 1.13
N SER A 149 25.21 13.57 2.39
CA SER A 149 26.04 12.99 3.42
C SER A 149 25.54 11.60 3.76
N ALA A 150 24.23 11.35 3.60
CA ALA A 150 23.68 10.02 3.84
C ALA A 150 24.04 9.13 2.67
N ARG A 151 23.98 9.68 1.46
CA ARG A 151 24.37 8.95 0.24
C ARG A 151 25.82 8.46 0.32
N SER A 152 26.79 9.33 0.69
CA SER A 152 28.21 8.89 0.81
C SER A 152 28.48 7.88 1.92
N ALA A 153 27.80 8.01 3.06
CA ALA A 153 28.00 7.05 4.15
C ALA A 153 27.57 5.66 3.68
N TYR A 154 26.39 5.57 3.05
CA TYR A 154 25.90 4.31 2.50
C TYR A 154 26.80 3.81 1.35
N GLN A 155 27.26 4.70 0.48
CA GLN A 155 28.09 4.32 -0.66
C GLN A 155 29.41 3.78 -0.20
N GLU A 156 30.06 4.46 0.74
CA GLU A 156 31.31 4.01 1.32
C GLU A 156 31.14 2.63 1.96
N ALA A 157 30.02 2.41 2.68
CA ALA A 157 29.72 1.11 3.31
C ALA A 157 29.51 0.02 2.26
N MET A 158 28.82 0.37 1.14
CA MET A 158 28.55 -0.55 0.00
C MET A 158 29.84 -0.97 -0.67
N ASP A 159 30.79 -0.05 -0.86
CA ASP A 159 32.07 -0.37 -1.51
C ASP A 159 32.87 -1.37 -0.70
N ILE A 160 32.88 -1.20 0.62
CA ILE A 160 33.59 -2.10 1.52
C ILE A 160 32.90 -3.45 1.54
N SER A 161 31.59 -3.49 1.68
CA SER A 161 30.90 -4.76 1.76
C SER A 161 31.06 -5.60 0.49
N LYS A 162 31.09 -4.96 -0.69
CA LYS A 162 31.28 -5.66 -1.97
C LYS A 162 32.66 -6.31 -2.07
N LYS A 163 33.70 -5.67 -1.53
CA LYS A 163 35.09 -6.17 -1.56
C LYS A 163 35.46 -7.05 -0.35
N GLU A 164 34.64 -7.10 0.70
CA GLU A 164 35.02 -7.81 1.92
C GLU A 164 34.04 -8.89 2.40
N MET A 165 32.79 -8.83 1.93
CA MET A 165 31.79 -9.77 2.41
C MET A 165 31.08 -10.54 1.31
N PRO A 166 30.64 -11.77 1.62
CA PRO A 166 29.90 -12.55 0.61
C PRO A 166 28.54 -11.92 0.37
N PRO A 167 27.93 -12.09 -0.83
CA PRO A 167 26.61 -11.46 -1.09
C PRO A 167 25.44 -11.93 -0.20
N THR A 168 25.66 -13.00 0.59
CA THR A 168 24.69 -13.58 1.54
C THR A 168 24.85 -13.09 2.97
N ASN A 169 25.93 -12.33 3.25
CA ASN A 169 26.17 -11.80 4.58
C ASN A 169 25.01 -10.89 5.02
N PRO A 170 24.44 -11.16 6.21
CA PRO A 170 23.29 -10.39 6.70
C PRO A 170 23.54 -8.88 6.91
N ILE A 171 24.77 -8.48 7.29
CA ILE A 171 25.08 -7.05 7.48
C ILE A 171 25.00 -6.37 6.11
N ARG A 172 25.61 -7.04 5.09
CA ARG A 172 25.62 -6.57 3.70
C ARG A 172 24.21 -6.40 3.17
N LEU A 173 23.37 -7.41 3.39
CA LEU A 173 21.96 -7.41 2.97
C LEU A 173 21.17 -6.29 3.67
N GLY A 174 21.39 -6.13 4.98
CA GLY A 174 20.78 -5.07 5.77
C GLY A 174 21.10 -3.68 5.26
N LEU A 175 22.38 -3.46 4.95
CA LEU A 175 22.87 -2.20 4.39
C LEU A 175 22.21 -1.87 3.03
N ALA A 176 22.16 -2.87 2.13
CA ALA A 176 21.57 -2.70 0.81
C ALA A 176 20.11 -2.38 0.92
N LEU A 177 19.39 -3.09 1.82
CA LEU A 177 17.95 -2.86 2.08
C LEU A 177 17.68 -1.41 2.49
N ASN A 178 18.47 -0.88 3.43
CA ASN A 178 18.31 0.49 3.88
C ASN A 178 18.68 1.53 2.82
N PHE A 179 19.77 1.28 2.08
CA PHE A 179 20.18 2.18 1.02
C PHE A 179 19.10 2.25 -0.07
N SER A 180 18.44 1.13 -0.37
CA SER A 180 17.37 1.13 -1.36
C SER A 180 16.14 1.94 -0.87
N VAL A 181 15.81 1.81 0.44
CA VAL A 181 14.72 2.58 1.08
C VAL A 181 15.07 4.08 0.96
N PHE A 182 16.34 4.41 1.23
CA PHE A 182 16.83 5.77 1.07
C PHE A 182 16.55 6.28 -0.37
N HIS A 183 16.88 5.48 -1.40
CA HIS A 183 16.63 5.89 -2.78
C HIS A 183 15.15 6.14 -3.02
N TYR A 184 14.29 5.22 -2.58
CA TYR A 184 12.85 5.35 -2.82
C TYR A 184 12.20 6.53 -2.15
N GLU A 185 12.40 6.64 -0.83
CA GLU A 185 11.72 7.61 0.04
C GLU A 185 12.35 8.98 0.17
N ILE A 186 13.69 9.02 0.25
CA ILE A 186 14.45 10.26 0.49
C ILE A 186 14.90 10.93 -0.77
N ALA A 187 15.69 10.22 -1.59
CA ALA A 187 16.25 10.76 -2.84
C ALA A 187 15.20 10.85 -3.95
N ASN A 188 14.10 10.12 -3.78
CA ASN A 188 13.00 9.99 -4.73
C ASN A 188 13.51 9.57 -6.12
N SER A 189 14.24 8.44 -6.10
CA SER A 189 14.78 7.71 -7.24
C SER A 189 14.19 6.29 -7.09
N PRO A 190 12.87 6.13 -7.34
CA PRO A 190 12.24 4.81 -7.17
C PRO A 190 12.87 3.69 -8.01
N GLU A 191 13.32 3.99 -9.25
CA GLU A 191 13.89 3.02 -10.18
C GLU A 191 15.18 2.44 -9.64
N GLU A 192 16.09 3.30 -9.13
CA GLU A 192 17.37 2.94 -8.49
C GLU A 192 17.15 2.04 -7.26
N ALA A 193 16.08 2.35 -6.49
CA ALA A 193 15.66 1.60 -5.30
C ALA A 193 15.25 0.20 -5.71
N ILE A 194 14.29 0.10 -6.66
CA ILE A 194 13.81 -1.18 -7.20
C ILE A 194 14.97 -2.01 -7.76
N SER A 195 15.80 -1.39 -8.61
CA SER A 195 16.96 -2.04 -9.21
C SER A 195 17.96 -2.55 -8.17
N LEU A 196 18.37 -1.71 -7.19
CA LEU A 196 19.29 -2.13 -6.13
C LEU A 196 18.73 -3.30 -5.34
N ALA A 197 17.43 -3.24 -5.01
CA ALA A 197 16.76 -4.29 -4.26
C ALA A 197 16.77 -5.63 -5.01
N LYS A 198 16.37 -5.63 -6.30
CA LYS A 198 16.35 -6.82 -7.12
C LYS A 198 17.75 -7.42 -7.25
N THR A 199 18.75 -6.58 -7.56
CA THR A 199 20.14 -7.00 -7.74
C THR A 199 20.65 -7.69 -6.49
N THR A 200 20.45 -7.06 -5.32
CA THR A 200 20.90 -7.58 -4.02
C THR A 200 20.27 -8.95 -3.75
N PHE A 201 18.96 -9.06 -4.02
CA PHE A 201 18.23 -10.27 -3.85
C PHE A 201 18.80 -11.39 -4.72
N ASP A 202 18.84 -11.18 -6.03
CA ASP A 202 19.28 -12.18 -7.01
C ASP A 202 20.72 -12.68 -6.80
N GLU A 203 21.63 -11.79 -6.34
CA GLU A 203 23.04 -12.12 -6.05
C GLU A 203 23.18 -12.98 -4.79
N ALA A 204 22.36 -12.65 -3.77
CA ALA A 204 22.31 -13.43 -2.55
C ALA A 204 21.66 -14.78 -2.85
N MET A 205 20.65 -14.79 -3.74
CA MET A 205 19.89 -15.98 -4.15
C MET A 205 20.79 -17.04 -4.79
N ALA A 206 21.70 -16.59 -5.68
CA ALA A 206 22.66 -17.46 -6.35
C ALA A 206 23.65 -18.11 -5.38
N ASP A 207 23.86 -17.49 -4.22
CA ASP A 207 24.83 -17.94 -3.23
C ASP A 207 24.23 -18.61 -1.98
N LEU A 208 22.94 -18.98 -2.02
CA LEU A 208 22.25 -19.59 -0.87
C LEU A 208 22.83 -20.91 -0.42
N HIS A 209 23.12 -21.78 -1.39
CA HIS A 209 23.69 -23.13 -1.20
C HIS A 209 25.00 -23.13 -0.41
N THR A 210 25.78 -22.01 -0.46
CA THR A 210 27.05 -21.83 0.27
C THR A 210 26.86 -21.45 1.74
N LEU A 211 25.64 -21.12 2.16
CA LEU A 211 25.38 -20.72 3.53
C LEU A 211 25.35 -21.92 4.50
N SER A 212 25.71 -21.67 5.75
CA SER A 212 25.60 -22.63 6.86
C SER A 212 24.18 -22.52 7.44
N GLU A 213 23.71 -23.54 8.16
CA GLU A 213 22.34 -23.58 8.71
C GLU A 213 21.91 -22.34 9.51
N ASP A 214 22.77 -21.83 10.40
CA ASP A 214 22.43 -20.69 11.28
C ASP A 214 22.29 -19.36 10.57
N SER A 215 23.13 -19.11 9.54
CA SER A 215 23.08 -17.86 8.74
C SER A 215 21.94 -17.83 7.74
N TYR A 216 21.50 -19.00 7.25
CA TYR A 216 20.41 -19.06 6.29
C TYR A 216 19.13 -18.45 6.82
N LYS A 217 18.81 -18.63 8.13
CA LYS A 217 17.62 -18.05 8.76
C LYS A 217 17.68 -16.53 8.74
N ASP A 218 18.79 -15.95 9.20
CA ASP A 218 19.06 -14.51 9.29
C ASP A 218 19.05 -13.82 7.91
N SER A 219 19.75 -14.43 6.95
CA SER A 219 19.84 -13.95 5.58
C SER A 219 18.50 -14.04 4.83
N THR A 220 17.72 -15.16 4.96
CA THR A 220 16.41 -15.26 4.26
C THR A 220 15.40 -14.33 4.84
N LEU A 221 15.53 -14.04 6.13
CA LEU A 221 14.65 -13.09 6.76
C LEU A 221 14.82 -11.69 6.12
N ILE A 222 16.07 -11.24 5.91
CA ILE A 222 16.36 -9.94 5.27
C ILE A 222 15.97 -9.93 3.78
N MET A 223 16.14 -11.08 3.12
CA MET A 223 15.75 -11.26 1.73
C MET A 223 14.24 -11.14 1.62
N GLN A 224 13.48 -11.54 2.70
CA GLN A 224 12.02 -11.40 2.80
C GLN A 224 11.65 -9.95 2.80
N LEU A 225 12.42 -9.14 3.51
CA LEU A 225 12.16 -7.72 3.55
C LEU A 225 12.41 -7.03 2.20
N LEU A 226 13.43 -7.48 1.47
CA LEU A 226 13.73 -6.97 0.13
C LEU A 226 12.58 -7.30 -0.84
N ARG A 227 12.11 -8.56 -0.83
CA ARG A 227 11.00 -9.00 -1.64
C ARG A 227 9.73 -8.25 -1.29
N ASP A 228 9.50 -7.95 0.01
CA ASP A 228 8.33 -7.20 0.45
C ASP A 228 8.31 -5.81 -0.15
N ASN A 229 9.46 -5.13 -0.09
CA ASN A 229 9.59 -3.80 -0.63
C ASN A 229 9.42 -3.83 -2.11
N LEU A 230 10.00 -4.82 -2.77
CA LEU A 230 9.87 -4.95 -4.22
C LEU A 230 8.40 -5.12 -4.65
N THR A 231 7.66 -5.96 -3.89
CA THR A 231 6.24 -6.23 -4.11
C THR A 231 5.42 -4.95 -3.89
N LEU A 232 5.79 -4.16 -2.89
CA LEU A 232 5.09 -2.92 -2.59
C LEU A 232 5.34 -1.87 -3.68
N TRP A 233 6.61 -1.71 -4.07
CA TRP A 233 7.06 -0.67 -5.01
C TRP A 233 6.64 -0.91 -6.47
N THR A 234 6.26 -2.18 -6.79
CA THR A 234 5.81 -2.76 -8.08
C THR A 234 4.38 -3.44 -7.97
N GLY A 235 3.35 -2.64 -7.74
CA GLY A 235 2.01 -3.17 -7.61
C GLY A 235 1.06 -2.31 -6.79
N SER A 236 -0.20 -2.19 -7.29
CA SER A 236 -1.30 -1.37 -6.75
C SER A 236 -2.12 -2.06 -5.59
N GLY A 237 -3.45 -2.04 -5.73
CA GLY A 237 -4.45 -2.59 -4.82
C GLY A 237 -5.75 -2.74 -5.57
N SEP A 238 -6.81 -2.03 -5.10
CA SEP A 238 -8.19 -1.95 -5.63
CB SEP A 238 -8.40 -0.86 -6.73
OG SEP A 238 -7.42 -0.65 -7.77
C SEP A 238 -8.77 -3.32 -6.11
O SEP A 238 -9.97 -3.63 -5.94
P SEP A 238 -8.07 -0.27 -9.12
O1P SEP A 238 -8.04 1.18 -9.11
O2P SEP A 238 -9.53 -0.68 -9.54
O3P SEP A 238 -7.01 -0.83 -10.05
N HIS B 3 -35.13 1.34 -33.19
CA HIS B 3 -33.95 0.60 -32.72
C HIS B 3 -33.10 1.40 -31.66
N MET B 4 -33.74 2.44 -31.06
CA MET B 4 -33.22 3.36 -30.04
C MET B 4 -33.69 2.97 -28.62
N GLU B 5 -35.03 2.70 -28.42
CA GLU B 5 -35.73 2.35 -27.16
C GLU B 5 -34.83 1.65 -26.16
N ARG B 6 -34.86 2.14 -24.92
CA ARG B 6 -34.05 1.67 -23.80
C ARG B 6 -33.77 0.17 -23.76
N ALA B 7 -34.75 -0.66 -24.18
CA ALA B 7 -34.68 -2.13 -24.19
C ALA B 7 -33.66 -2.68 -25.19
N SER B 8 -33.55 -2.04 -26.37
CA SER B 8 -32.63 -2.40 -27.43
C SER B 8 -31.20 -2.13 -26.99
N LEU B 9 -30.93 -0.92 -26.46
CA LEU B 9 -29.60 -0.51 -25.96
C LEU B 9 -29.05 -1.44 -24.89
N ILE B 10 -29.93 -1.87 -23.96
CA ILE B 10 -29.61 -2.78 -22.88
C ILE B 10 -29.30 -4.16 -23.44
N GLN B 11 -30.13 -4.65 -24.38
CA GLN B 11 -29.94 -5.94 -25.03
C GLN B 11 -28.61 -5.97 -25.76
N LYS B 12 -28.31 -4.89 -26.52
CA LYS B 12 -27.07 -4.71 -27.29
C LYS B 12 -25.82 -4.64 -26.42
N ALA B 13 -25.93 -4.00 -25.24
CA ALA B 13 -24.82 -3.91 -24.29
C ALA B 13 -24.45 -5.34 -23.82
N LYS B 14 -25.47 -6.20 -23.61
CA LYS B 14 -25.29 -7.59 -23.20
C LYS B 14 -24.58 -8.38 -24.28
N LEU B 15 -24.93 -8.12 -25.55
CA LEU B 15 -24.30 -8.79 -26.69
C LEU B 15 -22.85 -8.36 -26.83
N ALA B 16 -22.56 -7.05 -26.60
CA ALA B 16 -21.20 -6.51 -26.68
C ALA B 16 -20.32 -7.13 -25.61
N GLU B 17 -20.89 -7.43 -24.43
CA GLU B 17 -20.19 -8.09 -23.33
C GLU B 17 -19.76 -9.51 -23.75
N GLN B 18 -20.64 -10.19 -24.48
CA GLN B 18 -20.39 -11.55 -24.99
C GLN B 18 -19.42 -11.53 -26.15
N ALA B 19 -19.37 -10.45 -26.93
CA ALA B 19 -18.44 -10.27 -28.05
C ALA B 19 -17.12 -9.60 -27.60
N GLU B 20 -17.04 -9.19 -26.30
CA GLU B 20 -15.90 -8.53 -25.66
C GLU B 20 -15.51 -7.22 -26.37
N ARG B 21 -16.53 -6.46 -26.81
CA ARG B 21 -16.40 -5.16 -27.49
C ARG B 21 -16.80 -4.13 -26.45
N TYR B 22 -15.89 -3.84 -25.52
CA TYR B 22 -16.17 -3.01 -24.35
C TYR B 22 -16.39 -1.56 -24.67
N GLU B 23 -15.77 -1.07 -25.75
CA GLU B 23 -15.94 0.30 -26.22
C GLU B 23 -17.40 0.49 -26.61
N ASP B 24 -17.97 -0.50 -27.34
CA ASP B 24 -19.36 -0.51 -27.79
C ASP B 24 -20.31 -0.70 -26.62
N MET B 25 -19.96 -1.58 -25.67
CA MET B 25 -20.73 -1.85 -24.45
C MET B 25 -20.92 -0.57 -23.65
N ALA B 26 -19.84 0.21 -23.48
CA ALA B 26 -19.82 1.51 -22.80
C ALA B 26 -20.76 2.48 -23.52
N ALA B 27 -20.66 2.59 -24.86
CA ALA B 27 -21.51 3.45 -25.67
C ALA B 27 -23.02 3.14 -25.52
N PHE B 28 -23.38 1.83 -25.47
CA PHE B 28 -24.78 1.41 -25.30
C PHE B 28 -25.31 1.76 -23.91
N MET B 29 -24.48 1.56 -22.86
CA MET B 29 -24.79 1.88 -21.47
C MET B 29 -24.94 3.38 -21.25
N LYS B 30 -24.07 4.18 -21.90
CA LYS B 30 -24.12 5.64 -21.86
C LYS B 30 -25.48 6.10 -22.39
N GLY B 31 -25.87 5.59 -23.56
CA GLY B 31 -27.15 5.89 -24.21
C GLY B 31 -28.36 5.53 -23.37
N ALA B 32 -28.29 4.36 -22.68
CA ALA B 32 -29.34 3.86 -21.82
C ALA B 32 -29.48 4.72 -20.53
N VAL B 33 -28.34 5.17 -19.95
CA VAL B 33 -28.30 6.06 -18.79
C VAL B 33 -29.01 7.35 -19.16
N GLU B 34 -28.67 7.88 -20.36
CA GLU B 34 -29.19 9.11 -20.92
C GLU B 34 -30.70 9.11 -21.13
N LYS B 35 -31.37 7.95 -20.98
CA LYS B 35 -32.83 7.87 -21.06
C LYS B 35 -33.44 8.42 -19.75
N GLY B 36 -32.60 8.59 -18.74
CA GLY B 36 -32.98 9.14 -17.44
C GLY B 36 -33.69 8.18 -16.52
N GLU B 37 -33.54 6.88 -16.75
CA GLU B 37 -34.15 5.88 -15.91
C GLU B 37 -33.10 5.39 -14.95
N GLU B 38 -33.53 4.97 -13.75
CA GLU B 38 -32.65 4.43 -12.72
C GLU B 38 -32.16 3.06 -13.17
N LEU B 39 -30.91 2.74 -12.81
CA LEU B 39 -30.32 1.46 -13.21
C LEU B 39 -30.61 0.39 -12.20
N SER B 40 -31.01 -0.79 -12.69
CA SER B 40 -31.26 -1.96 -11.86
C SER B 40 -29.91 -2.52 -11.45
N CYS B 41 -29.90 -3.53 -10.54
CA CYS B 41 -28.68 -4.20 -10.07
C CYS B 41 -27.81 -4.66 -11.24
N GLU B 42 -28.42 -5.43 -12.16
CA GLU B 42 -27.81 -5.99 -13.37
C GLU B 42 -27.23 -4.90 -14.24
N GLU B 43 -28.00 -3.83 -14.47
CA GLU B 43 -27.65 -2.68 -15.32
C GLU B 43 -26.46 -1.86 -14.79
N ARG B 44 -26.40 -1.64 -13.46
CA ARG B 44 -25.32 -0.91 -12.77
C ARG B 44 -24.00 -1.59 -13.11
N ASN B 45 -24.02 -2.92 -12.97
CA ASN B 45 -22.89 -3.81 -13.18
C ASN B 45 -22.44 -3.87 -14.62
N LEU B 46 -23.39 -3.76 -15.59
CA LEU B 46 -23.04 -3.70 -17.01
C LEU B 46 -22.33 -2.39 -17.26
N LEU B 47 -22.84 -1.29 -16.68
CA LEU B 47 -22.22 0.03 -16.83
C LEU B 47 -20.81 0.09 -16.25
N SER B 48 -20.62 -0.37 -15.00
CA SER B 48 -19.30 -0.41 -14.36
C SER B 48 -18.28 -1.24 -15.22
N VAL B 49 -18.66 -2.49 -15.60
CA VAL B 49 -17.84 -3.42 -16.39
C VAL B 49 -17.36 -2.78 -17.66
N ALA B 50 -18.29 -2.21 -18.41
CA ALA B 50 -17.93 -1.60 -19.66
C ALA B 50 -16.81 -0.63 -19.50
N TYR B 51 -17.04 0.41 -18.65
CA TYR B 51 -16.09 1.49 -18.42
C TYR B 51 -14.85 1.06 -17.68
N LYS B 52 -14.96 0.07 -16.80
CA LYS B 52 -13.79 -0.43 -16.10
C LYS B 52 -12.78 -1.08 -17.03
N ASN B 53 -13.29 -1.86 -18.03
CA ASN B 53 -12.48 -2.58 -19.02
C ASN B 53 -11.74 -1.64 -19.94
N VAL B 54 -12.45 -0.60 -20.38
CA VAL B 54 -11.98 0.46 -21.27
C VAL B 54 -10.84 1.24 -20.60
N VAL B 55 -11.09 1.80 -19.42
CA VAL B 55 -10.11 2.60 -18.69
C VAL B 55 -8.94 1.73 -18.27
N GLY B 56 -9.21 0.48 -17.89
CA GLY B 56 -8.22 -0.51 -17.47
C GLY B 56 -7.14 -0.68 -18.49
N GLY B 57 -7.57 -0.87 -19.75
CA GLY B 57 -6.70 -1.00 -20.93
C GLY B 57 -5.86 0.23 -21.22
N GLN B 58 -6.46 1.41 -21.05
CA GLN B 58 -5.74 2.65 -21.26
C GLN B 58 -4.69 2.90 -20.16
N ARG B 59 -5.04 2.59 -18.88
CA ARG B 59 -4.12 2.78 -17.76
C ARG B 59 -2.93 1.89 -17.88
N ALA B 60 -3.13 0.61 -18.25
CA ALA B 60 -2.08 -0.40 -18.45
C ALA B 60 -1.09 0.05 -19.49
N ALA B 61 -1.60 0.56 -20.63
CA ALA B 61 -0.81 1.08 -21.74
C ALA B 61 -0.02 2.35 -21.31
N TRP B 62 -0.67 3.28 -20.60
CA TRP B 62 -0.03 4.49 -20.11
C TRP B 62 1.15 4.15 -19.19
N ARG B 63 1.00 3.16 -18.31
CA ARG B 63 2.05 2.71 -17.39
C ARG B 63 3.24 2.19 -18.13
N VAL B 64 3.01 1.38 -19.17
CA VAL B 64 4.04 0.80 -20.03
C VAL B 64 4.86 1.93 -20.63
N LEU B 65 4.17 2.92 -21.25
CA LEU B 65 4.80 4.06 -21.92
C LEU B 65 5.52 4.99 -20.96
N SER B 66 4.87 5.31 -19.82
CA SER B 66 5.45 6.16 -18.80
C SER B 66 6.73 5.51 -18.27
N SER B 67 6.71 4.17 -18.08
CA SER B 67 7.89 3.38 -17.64
C SER B 67 9.07 3.53 -18.64
N ILE B 68 8.78 3.44 -19.95
CA ILE B 68 9.79 3.57 -21.00
C ILE B 68 10.36 5.00 -21.00
N GLU B 69 9.46 6.00 -20.91
CA GLU B 69 9.82 7.42 -20.85
C GLU B 69 10.75 7.74 -19.66
N GLN B 70 10.61 7.03 -18.53
CA GLN B 70 11.44 7.22 -17.35
C GLN B 70 12.79 6.56 -17.46
N LYS B 71 12.87 5.41 -18.15
CA LYS B 71 14.14 4.67 -18.32
C LYS B 71 15.06 5.26 -19.42
N SER B 72 14.53 6.24 -20.19
CA SER B 72 15.26 6.98 -21.23
C SER B 72 15.85 8.29 -20.67
N ASN B 73 15.18 8.87 -19.64
CA ASN B 73 15.59 10.08 -18.91
C ASN B 73 16.64 9.73 -17.82
N GLU B 74 17.02 8.44 -17.72
CA GLU B 74 18.03 7.94 -16.79
C GLU B 74 19.39 8.08 -17.45
N GLU B 75 20.43 8.44 -16.67
CA GLU B 75 21.79 8.65 -17.20
C GLU B 75 22.32 7.39 -17.90
N GLY B 76 22.78 7.56 -19.14
CA GLY B 76 23.30 6.49 -19.97
C GLY B 76 22.59 6.30 -21.28
N SER B 77 21.27 6.03 -21.22
CA SER B 77 20.41 5.84 -22.40
C SER B 77 19.91 7.18 -22.93
N GLY B 81 14.66 9.98 -28.27
CA GLY B 81 13.85 10.89 -29.06
C GLY B 81 12.54 11.30 -28.38
N PRO B 82 11.89 12.39 -28.87
CA PRO B 82 10.62 12.85 -28.24
C PRO B 82 9.34 12.05 -28.61
N GLU B 83 9.48 10.98 -29.44
CA GLU B 83 8.36 10.16 -29.91
C GLU B 83 7.59 9.49 -28.78
N VAL B 84 8.32 9.08 -27.71
CA VAL B 84 7.77 8.42 -26.53
C VAL B 84 6.78 9.34 -25.83
N ARG B 85 7.20 10.60 -25.59
CA ARG B 85 6.39 11.61 -24.94
C ARG B 85 5.12 11.89 -25.73
N GLU B 86 5.24 12.12 -27.04
CA GLU B 86 4.08 12.40 -27.92
C GLU B 86 3.03 11.29 -27.84
N TYR B 87 3.45 10.02 -27.86
CA TYR B 87 2.53 8.89 -27.81
C TYR B 87 1.95 8.68 -26.44
N ARG B 88 2.77 8.87 -25.38
CA ARG B 88 2.31 8.76 -23.99
C ARG B 88 1.22 9.83 -23.73
N GLU B 89 1.40 11.04 -24.31
CA GLU B 89 0.46 12.14 -24.23
C GLU B 89 -0.83 11.79 -24.93
N LYS B 90 -0.76 11.11 -26.09
CA LYS B 90 -1.94 10.67 -26.85
C LYS B 90 -2.80 9.75 -25.99
N VAL B 91 -2.16 8.73 -25.39
CA VAL B 91 -2.81 7.76 -24.53
C VAL B 91 -3.43 8.46 -23.33
N GLU B 92 -2.66 9.36 -22.70
CA GLU B 92 -3.09 10.15 -21.54
C GLU B 92 -4.37 10.94 -21.84
N THR B 93 -4.39 11.65 -22.99
CA THR B 93 -5.51 12.47 -23.47
C THR B 93 -6.79 11.65 -23.69
N GLU B 94 -6.63 10.47 -24.29
CA GLU B 94 -7.71 9.51 -24.58
C GLU B 94 -8.37 9.06 -23.27
N LEU B 95 -7.52 8.73 -22.29
CA LEU B 95 -7.87 8.26 -20.97
C LEU B 95 -8.67 9.34 -20.23
N GLN B 96 -8.21 10.60 -20.31
CA GLN B 96 -8.85 11.72 -19.65
C GLN B 96 -10.26 11.93 -20.14
N GLY B 97 -10.46 11.78 -21.45
CA GLY B 97 -11.76 11.89 -22.09
C GLY B 97 -12.79 10.92 -21.54
N VAL B 98 -12.37 9.64 -21.33
CA VAL B 98 -13.18 8.57 -20.76
C VAL B 98 -13.59 8.88 -19.32
N CYS B 99 -12.61 9.27 -18.46
CA CYS B 99 -12.85 9.62 -17.06
C CYS B 99 -13.83 10.78 -16.93
N ASP B 100 -13.64 11.82 -17.75
CA ASP B 100 -14.49 12.99 -17.76
C ASP B 100 -15.90 12.62 -18.15
N THR B 101 -16.05 11.71 -19.15
CA THR B 101 -17.34 11.19 -19.63
C THR B 101 -18.06 10.45 -18.49
N VAL B 102 -17.33 9.56 -17.78
CA VAL B 102 -17.84 8.76 -16.67
C VAL B 102 -18.33 9.69 -15.57
N LEU B 103 -17.46 10.61 -15.11
CA LEU B 103 -17.78 11.58 -14.04
C LEU B 103 -18.91 12.52 -14.42
N GLY B 104 -18.97 12.85 -15.71
CA GLY B 104 -20.01 13.67 -16.31
C GLY B 104 -21.35 12.97 -16.26
N LEU B 105 -21.36 11.63 -16.47
CA LEU B 105 -22.56 10.79 -16.39
C LEU B 105 -22.96 10.53 -14.95
N LEU B 106 -21.95 10.32 -14.07
CA LEU B 106 -22.14 10.11 -12.64
C LEU B 106 -22.86 11.36 -12.11
N ASP B 107 -22.21 12.55 -12.26
CA ASP B 107 -22.71 13.87 -11.86
C ASP B 107 -24.00 14.28 -12.56
N SER B 108 -24.01 14.33 -13.94
CA SER B 108 -25.14 14.74 -14.79
C SER B 108 -26.45 14.22 -14.29
N HIS B 109 -26.66 12.88 -14.23
CA HIS B 109 -27.93 12.37 -13.74
C HIS B 109 -27.87 10.95 -13.13
N LEU B 110 -26.72 10.51 -12.65
CA LEU B 110 -26.74 9.20 -12.03
C LEU B 110 -26.90 9.34 -10.54
N ILE B 111 -25.93 10.05 -9.93
CA ILE B 111 -25.69 10.29 -8.51
C ILE B 111 -26.88 10.94 -7.77
N LYS B 112 -27.35 12.10 -8.29
CA LYS B 112 -28.44 12.93 -7.75
C LYS B 112 -29.82 12.33 -8.00
N GLU B 113 -29.90 11.40 -8.97
CA GLU B 113 -31.17 10.76 -9.32
C GLU B 113 -31.43 9.44 -8.50
N ALA B 114 -30.35 8.69 -8.09
CA ALA B 114 -30.49 7.47 -7.29
C ALA B 114 -31.24 7.74 -5.95
N GLY B 115 -32.17 6.85 -5.56
CA GLY B 115 -32.98 6.96 -4.35
C GLY B 115 -32.44 6.17 -3.17
N ASP B 116 -32.29 4.83 -3.35
CA ASP B 116 -31.82 3.91 -2.32
C ASP B 116 -30.34 4.09 -1.97
N ALA B 117 -29.96 3.64 -0.78
CA ALA B 117 -28.61 3.82 -0.28
C ALA B 117 -27.51 3.02 -0.98
N GLU B 118 -27.77 1.72 -1.34
CA GLU B 118 -26.79 0.81 -2.00
C GLU B 118 -26.25 1.39 -3.25
N SER B 119 -27.16 1.88 -4.10
CA SER B 119 -26.86 2.49 -5.38
C SER B 119 -26.18 3.83 -5.17
N ARG B 120 -26.69 4.67 -4.23
CA ARG B 120 -26.08 5.97 -3.97
C ARG B 120 -24.61 5.81 -3.59
N VAL B 121 -24.29 4.79 -2.76
CA VAL B 121 -22.92 4.44 -2.34
C VAL B 121 -22.08 3.95 -3.55
N PHE B 122 -22.67 3.08 -4.40
CA PHE B 122 -22.07 2.52 -5.62
C PHE B 122 -21.56 3.59 -6.55
N TYR B 123 -22.40 4.61 -6.80
CA TYR B 123 -22.10 5.72 -7.69
C TYR B 123 -21.09 6.65 -7.07
N LEU B 124 -21.16 6.86 -5.74
CA LEU B 124 -20.24 7.72 -5.00
C LEU B 124 -18.83 7.13 -4.88
N LYS B 125 -18.76 5.80 -4.83
CA LYS B 125 -17.52 5.02 -4.82
C LYS B 125 -16.90 5.14 -6.21
N MET B 126 -17.72 4.92 -7.29
CA MET B 126 -17.33 5.07 -8.69
C MET B 126 -16.75 6.47 -8.96
N LYS B 127 -17.38 7.53 -8.39
CA LYS B 127 -16.93 8.92 -8.52
C LYS B 127 -15.56 9.13 -7.91
N GLY B 128 -15.33 8.62 -6.72
CA GLY B 128 -13.98 8.67 -6.17
C GLY B 128 -13.01 7.91 -7.09
N ASP B 129 -13.36 6.65 -7.45
CA ASP B 129 -12.56 5.78 -8.28
C ASP B 129 -12.07 6.48 -9.53
N TYR B 130 -12.97 7.20 -10.25
CA TYR B 130 -12.59 7.85 -11.52
C TYR B 130 -11.79 9.13 -11.33
N TYR B 131 -11.95 9.82 -10.19
CA TYR B 131 -11.12 10.98 -9.89
C TYR B 131 -9.76 10.49 -9.50
N ARG B 132 -9.71 9.33 -8.79
CA ARG B 132 -8.48 8.64 -8.39
C ARG B 132 -7.66 8.25 -9.65
N TYR B 133 -8.37 7.83 -10.74
CA TYR B 133 -7.73 7.48 -12.02
C TYR B 133 -7.13 8.69 -12.66
N LEU B 134 -7.85 9.82 -12.62
CA LEU B 134 -7.36 11.08 -13.17
C LEU B 134 -6.15 11.58 -12.45
N ALA B 135 -6.08 11.32 -11.13
CA ALA B 135 -4.97 11.73 -10.29
C ALA B 135 -3.65 11.11 -10.77
N GLU B 136 -3.71 9.87 -11.24
CA GLU B 136 -2.56 9.11 -11.71
C GLU B 136 -1.74 9.89 -12.76
N VAL B 137 -2.38 10.19 -13.90
CA VAL B 137 -1.79 10.87 -15.06
C VAL B 137 -1.45 12.34 -14.80
N ALA B 138 -2.33 13.05 -14.01
CA ALA B 138 -2.24 14.48 -13.67
C ALA B 138 -1.00 14.78 -12.87
N THR B 139 -0.41 15.98 -13.10
CA THR B 139 0.85 16.34 -12.45
C THR B 139 0.92 17.71 -11.85
N GLY B 140 0.37 18.69 -12.55
CA GLY B 140 0.49 20.08 -12.15
C GLY B 140 -0.21 20.52 -10.90
N ASP B 141 -0.63 21.79 -10.90
CA ASP B 141 -1.42 22.45 -9.87
C ASP B 141 -2.74 21.70 -9.79
N ASP B 142 -3.12 21.03 -10.91
CA ASP B 142 -4.32 20.24 -11.10
C ASP B 142 -4.33 18.99 -10.22
N LYS B 143 -3.16 18.36 -9.97
CA LYS B 143 -3.12 17.15 -9.15
C LYS B 143 -3.80 17.32 -7.79
N LYS B 144 -3.56 18.43 -7.08
CA LYS B 144 -4.13 18.77 -5.77
C LYS B 144 -5.67 18.81 -5.75
N ARG B 145 -6.28 19.52 -6.72
CA ARG B 145 -7.73 19.65 -6.88
C ARG B 145 -8.35 18.27 -7.03
N ILE B 146 -7.82 17.49 -7.97
CA ILE B 146 -8.26 16.16 -8.29
C ILE B 146 -8.21 15.25 -7.08
N ILE B 147 -7.06 15.25 -6.33
CA ILE B 147 -6.88 14.47 -5.09
C ILE B 147 -8.01 14.81 -4.12
N ASP B 148 -8.32 16.10 -4.00
CA ASP B 148 -9.35 16.56 -3.11
C ASP B 148 -10.75 16.17 -3.53
N SER B 149 -11.02 16.14 -4.83
CA SER B 149 -12.33 15.76 -5.36
C SER B 149 -12.51 14.27 -5.19
N ALA B 150 -11.40 13.51 -5.24
CA ALA B 150 -11.44 12.09 -5.01
C ALA B 150 -11.72 11.86 -3.54
N ARG B 151 -11.03 12.61 -2.63
CA ARG B 151 -11.13 12.56 -1.16
C ARG B 151 -12.54 12.81 -0.63
N SER B 152 -13.15 13.95 -1.02
CA SER B 152 -14.50 14.38 -0.60
C SER B 152 -15.65 13.51 -1.17
N ALA B 153 -15.61 13.00 -2.46
CA ALA B 153 -16.63 12.13 -3.11
C ALA B 153 -16.65 10.74 -2.47
N TYR B 154 -15.46 10.22 -2.11
CA TYR B 154 -15.23 8.95 -1.39
C TYR B 154 -15.74 9.04 0.08
N GLN B 155 -15.46 10.19 0.78
CA GLN B 155 -15.88 10.49 2.17
C GLN B 155 -17.41 10.62 2.28
N GLU B 156 -18.03 11.26 1.29
CA GLU B 156 -19.48 11.41 1.18
C GLU B 156 -20.07 10.00 1.14
N ALA B 157 -19.40 9.07 0.38
CA ALA B 157 -19.78 7.67 0.23
C ALA B 157 -19.57 6.93 1.57
N MET B 158 -18.51 7.31 2.35
CA MET B 158 -18.14 6.71 3.64
C MET B 158 -19.13 7.03 4.75
N ASP B 159 -19.68 8.25 4.78
CA ASP B 159 -20.66 8.67 5.79
C ASP B 159 -21.99 7.98 5.61
N ILE B 160 -22.31 7.58 4.39
CA ILE B 160 -23.57 6.92 4.09
C ILE B 160 -23.50 5.44 4.45
N SER B 161 -22.39 4.80 4.07
CA SER B 161 -22.16 3.39 4.29
C SER B 161 -22.36 2.95 5.74
N LYS B 162 -21.85 3.75 6.71
CA LYS B 162 -21.91 3.48 8.15
C LYS B 162 -23.31 3.60 8.70
N LYS B 163 -24.05 4.61 8.21
CA LYS B 163 -25.39 4.92 8.67
C LYS B 163 -26.49 4.13 7.97
N GLU B 164 -26.15 3.39 6.90
CA GLU B 164 -27.16 2.65 6.11
C GLU B 164 -26.89 1.18 5.88
N MET B 165 -25.62 0.77 5.99
CA MET B 165 -25.26 -0.61 5.72
C MET B 165 -24.53 -1.31 6.87
N PRO B 166 -24.73 -2.65 7.02
CA PRO B 166 -24.05 -3.38 8.10
C PRO B 166 -22.55 -3.39 7.85
N PRO B 167 -21.69 -3.51 8.89
CA PRO B 167 -20.24 -3.49 8.66
C PRO B 167 -19.66 -4.62 7.80
N THR B 168 -20.49 -5.67 7.52
CA THR B 168 -20.15 -6.84 6.71
C THR B 168 -20.63 -6.75 5.28
N ASN B 169 -21.38 -5.68 4.93
CA ASN B 169 -21.86 -5.47 3.55
C ASN B 169 -20.66 -5.34 2.58
N PRO B 170 -20.65 -6.13 1.48
CA PRO B 170 -19.51 -6.11 0.57
C PRO B 170 -19.27 -4.80 -0.15
N ILE B 171 -20.33 -4.00 -0.44
CA ILE B 171 -20.19 -2.67 -1.10
C ILE B 171 -19.40 -1.75 -0.16
N ARG B 172 -19.79 -1.73 1.15
CA ARG B 172 -19.17 -0.95 2.22
C ARG B 172 -17.73 -1.28 2.31
N LEU B 173 -17.43 -2.61 2.40
CA LEU B 173 -16.06 -3.16 2.50
C LEU B 173 -15.19 -2.78 1.30
N GLY B 174 -15.78 -2.91 0.10
CA GLY B 174 -15.15 -2.55 -1.17
C GLY B 174 -14.76 -1.09 -1.22
N LEU B 175 -15.68 -0.22 -0.81
CA LEU B 175 -15.46 1.23 -0.75
C LEU B 175 -14.32 1.58 0.20
N ALA B 176 -14.34 1.02 1.43
CA ALA B 176 -13.34 1.26 2.45
C ALA B 176 -11.97 0.81 1.98
N LEU B 177 -11.90 -0.36 1.31
CA LEU B 177 -10.67 -0.92 0.75
C LEU B 177 -10.05 0.01 -0.27
N ASN B 178 -10.83 0.52 -1.21
CA ASN B 178 -10.37 1.47 -2.22
C ASN B 178 -9.96 2.83 -1.63
N PHE B 179 -10.74 3.39 -0.72
CA PHE B 179 -10.39 4.65 -0.10
C PHE B 179 -9.11 4.54 0.72
N SER B 180 -8.84 3.39 1.39
CA SER B 180 -7.59 3.16 2.14
C SER B 180 -6.38 3.10 1.19
N VAL B 181 -6.56 2.45 0.01
CA VAL B 181 -5.56 2.37 -1.06
C VAL B 181 -5.28 3.82 -1.54
N PHE B 182 -6.34 4.64 -1.67
CA PHE B 182 -6.24 6.02 -2.03
C PHE B 182 -5.31 6.71 -1.04
N HIS B 183 -5.59 6.62 0.26
CA HIS B 183 -4.76 7.26 1.26
C HIS B 183 -3.31 6.84 1.13
N TYR B 184 -3.03 5.53 1.02
CA TYR B 184 -1.67 5.05 0.95
C TYR B 184 -0.92 5.49 -0.28
N GLU B 185 -1.49 5.23 -1.46
CA GLU B 185 -0.87 5.42 -2.76
C GLU B 185 -0.95 6.81 -3.37
N ILE B 186 -2.09 7.48 -3.26
CA ILE B 186 -2.33 8.79 -3.87
C ILE B 186 -1.98 9.94 -2.96
N ALA B 187 -2.70 10.05 -1.82
CA ALA B 187 -2.55 11.11 -0.83
C ALA B 187 -1.22 11.03 -0.06
N ASN B 188 -0.61 9.82 -0.06
CA ASN B 188 0.59 9.44 0.68
C ASN B 188 0.47 9.83 2.17
N SER B 189 -0.61 9.29 2.78
CA SER B 189 -0.99 9.32 4.20
C SER B 189 -1.05 7.83 4.59
N PRO B 190 0.10 7.14 4.67
CA PRO B 190 0.08 5.70 4.98
C PRO B 190 -0.59 5.33 6.30
N GLU B 191 -0.43 6.17 7.35
CA GLU B 191 -0.98 5.95 8.70
C GLU B 191 -2.51 5.90 8.67
N GLU B 192 -3.14 6.86 7.97
CA GLU B 192 -4.59 6.97 7.76
C GLU B 192 -5.14 5.73 7.02
N ALA B 193 -4.35 5.24 6.03
CA ALA B 193 -4.65 4.06 5.23
C ALA B 193 -4.66 2.83 6.13
N ILE B 194 -3.57 2.61 6.89
CA ILE B 194 -3.44 1.50 7.84
C ILE B 194 -4.57 1.51 8.87
N SER B 195 -4.81 2.68 9.49
CA SER B 195 -5.86 2.87 10.49
C SER B 195 -7.25 2.54 9.94
N LEU B 196 -7.62 3.12 8.77
CA LEU B 196 -8.91 2.86 8.10
C LEU B 196 -9.08 1.36 7.80
N ALA B 197 -8.03 0.72 7.30
CA ALA B 197 -8.06 -0.69 6.95
C ALA B 197 -8.27 -1.58 8.17
N LYS B 198 -7.54 -1.34 9.27
CA LYS B 198 -7.66 -2.12 10.50
C LYS B 198 -9.05 -1.99 11.06
N THR B 199 -9.57 -0.75 11.15
CA THR B 199 -10.89 -0.42 11.67
C THR B 199 -11.98 -1.18 10.91
N THR B 200 -11.95 -1.09 9.56
CA THR B 200 -12.92 -1.74 8.67
C THR B 200 -12.91 -3.25 8.90
N PHE B 201 -11.69 -3.81 9.02
CA PHE B 201 -11.49 -5.23 9.24
C PHE B 201 -12.11 -5.70 10.55
N ASP B 202 -11.68 -5.11 11.68
CA ASP B 202 -12.12 -5.48 13.02
C ASP B 202 -13.62 -5.35 13.24
N GLU B 203 -14.27 -4.35 12.61
CA GLU B 203 -15.72 -4.10 12.70
C GLU B 203 -16.50 -5.15 11.94
N ALA B 204 -15.99 -5.53 10.74
CA ALA B 204 -16.59 -6.58 9.92
C ALA B 204 -16.34 -7.92 10.58
N MET B 205 -15.17 -8.09 11.24
CA MET B 205 -14.77 -9.29 11.97
C MET B 205 -15.74 -9.63 13.10
N ALA B 206 -16.13 -8.63 13.86
CA ALA B 206 -17.06 -8.78 14.95
C ALA B 206 -18.44 -9.22 14.49
N ASP B 207 -18.78 -8.93 13.24
CA ASP B 207 -20.09 -9.23 12.69
C ASP B 207 -20.14 -10.40 11.70
N LEU B 208 -19.08 -11.23 11.63
CA LEU B 208 -19.01 -12.36 10.68
C LEU B 208 -20.09 -13.40 10.87
N HIS B 209 -20.31 -13.79 12.13
CA HIS B 209 -21.29 -14.78 12.56
C HIS B 209 -22.71 -14.46 12.09
N THR B 210 -23.03 -13.15 11.88
CA THR B 210 -24.35 -12.67 11.42
C THR B 210 -24.56 -12.79 9.91
N LEU B 211 -23.51 -13.14 9.15
CA LEU B 211 -23.61 -13.26 7.70
C LEU B 211 -24.38 -14.50 7.21
N SER B 212 -25.05 -14.35 6.05
CA SER B 212 -25.81 -15.39 5.34
C SER B 212 -24.85 -16.10 4.38
N GLU B 213 -25.21 -17.32 3.93
CA GLU B 213 -24.41 -18.17 3.04
C GLU B 213 -23.80 -17.46 1.83
N ASP B 214 -24.59 -16.70 1.07
CA ASP B 214 -24.10 -16.06 -0.15
C ASP B 214 -23.13 -14.90 0.09
N SER B 215 -23.40 -14.06 1.10
CA SER B 215 -22.56 -12.90 1.43
C SER B 215 -21.26 -13.32 2.12
N TYR B 216 -21.29 -14.51 2.81
CA TYR B 216 -20.18 -15.15 3.54
C TYR B 216 -18.92 -15.21 2.69
N LYS B 217 -19.07 -15.60 1.42
CA LYS B 217 -17.98 -15.77 0.46
C LYS B 217 -17.38 -14.44 0.02
N ASP B 218 -18.26 -13.52 -0.40
CA ASP B 218 -17.94 -12.20 -0.94
C ASP B 218 -17.26 -11.28 0.07
N SER B 219 -17.81 -11.22 1.27
CA SER B 219 -17.30 -10.36 2.34
C SER B 219 -15.95 -10.82 2.87
N THR B 220 -15.77 -12.13 3.06
CA THR B 220 -14.51 -12.70 3.54
C THR B 220 -13.41 -12.51 2.54
N LEU B 221 -13.75 -12.56 1.26
CA LEU B 221 -12.78 -12.36 0.20
C LEU B 221 -12.18 -10.94 0.27
N ILE B 222 -13.03 -9.89 0.44
CA ILE B 222 -12.63 -8.49 0.55
C ILE B 222 -11.78 -8.26 1.80
N MET B 223 -12.17 -8.92 2.91
CA MET B 223 -11.47 -8.84 4.20
C MET B 223 -10.09 -9.46 4.08
N GLN B 224 -9.93 -10.42 3.14
CA GLN B 224 -8.66 -11.08 2.89
C GLN B 224 -7.69 -10.08 2.25
N LEU B 225 -8.16 -9.34 1.23
CA LEU B 225 -7.39 -8.33 0.49
C LEU B 225 -6.99 -7.20 1.38
N LEU B 226 -7.70 -7.06 2.50
CA LEU B 226 -7.41 -6.07 3.52
C LEU B 226 -6.27 -6.59 4.39
N ARG B 227 -6.43 -7.78 5.02
CA ARG B 227 -5.40 -8.34 5.89
C ARG B 227 -4.11 -8.53 5.12
N ASP B 228 -4.19 -8.66 3.81
CA ASP B 228 -3.02 -8.77 2.93
C ASP B 228 -2.28 -7.44 2.85
N ASN B 229 -3.02 -6.38 2.40
CA ASN B 229 -2.55 -5.00 2.22
C ASN B 229 -1.97 -4.49 3.53
N LEU B 230 -2.71 -4.69 4.62
CA LEU B 230 -2.35 -4.24 5.93
C LEU B 230 -1.03 -4.70 6.37
N THR B 231 -0.89 -6.02 6.60
CA THR B 231 0.36 -6.62 7.07
C THR B 231 1.52 -6.30 6.07
N LEU B 232 1.21 -6.01 4.77
CA LEU B 232 2.26 -5.59 3.84
C LEU B 232 2.69 -4.15 4.13
N TRP B 233 1.72 -3.25 4.29
CA TRP B 233 1.95 -1.84 4.68
C TRP B 233 2.58 -1.72 6.08
N THR B 234 2.36 -2.75 6.90
CA THR B 234 2.87 -2.87 8.25
C THR B 234 4.36 -3.24 8.17
N GLY B 235 4.68 -4.48 7.76
CA GLY B 235 6.04 -5.05 7.69
C GLY B 235 7.09 -4.53 6.71
N SER B 236 6.80 -3.40 5.97
CA SER B 236 7.73 -2.78 4.98
C SER B 236 8.34 -1.43 5.46
N GLY B 237 9.65 -1.31 5.26
CA GLY B 237 10.41 -0.14 5.64
C GLY B 237 11.89 -0.45 5.59
N SEP B 238 12.59 -0.09 6.65
CA SEP B 238 14.03 -0.34 6.80
CB SEP B 238 14.58 0.88 7.56
OG SEP B 238 13.52 1.66 8.17
C SEP B 238 14.24 -1.65 7.58
O SEP B 238 13.26 -2.35 7.83
P SEP B 238 14.08 2.48 9.31
O1P SEP B 238 14.05 3.95 9.07
O2P SEP B 238 15.50 2.10 9.89
O3P SEP B 238 12.90 2.24 10.19
N LEU B 239 15.50 -2.00 7.96
CA LEU B 239 15.72 -3.22 8.74
C LEU B 239 14.82 -3.18 9.99
N ARG B 240 14.10 -4.30 10.28
CA ARG B 240 13.18 -4.42 11.45
C ARG B 240 13.91 -4.71 12.80
N ARG B 241 13.10 -4.73 13.90
CA ARG B 241 13.50 -5.01 15.29
C ARG B 241 14.20 -6.38 15.45
N GLU C 5 -0.12 31.90 26.27
CA GLU C 5 -1.26 32.02 27.18
C GLU C 5 -1.80 30.65 27.62
N ARG C 6 -2.70 30.63 28.64
CA ARG C 6 -3.39 29.44 29.18
C ARG C 6 -4.06 28.58 28.07
N ALA C 7 -4.70 29.24 27.06
CA ALA C 7 -5.36 28.57 25.91
C ALA C 7 -4.40 27.74 25.06
N SER C 8 -3.17 28.28 24.85
CA SER C 8 -2.10 27.64 24.11
C SER C 8 -1.61 26.40 24.86
N LEU C 9 -1.34 26.54 26.19
CA LEU C 9 -0.87 25.46 27.07
C LEU C 9 -1.83 24.28 27.10
N ILE C 10 -3.12 24.57 27.15
CA ILE C 10 -4.19 23.58 27.15
C ILE C 10 -4.23 22.86 25.81
N GLN C 11 -4.17 23.64 24.70
CA GLN C 11 -4.17 23.08 23.35
C GLN C 11 -2.96 22.15 23.14
N LYS C 12 -1.76 22.60 23.59
CA LYS C 12 -0.51 21.85 23.51
C LYS C 12 -0.53 20.58 24.33
N ALA C 13 -1.18 20.60 25.50
CA ALA C 13 -1.30 19.42 26.36
C ALA C 13 -2.11 18.35 25.60
N LYS C 14 -3.15 18.78 24.85
CA LYS C 14 -4.00 17.89 24.06
C LYS C 14 -3.21 17.25 22.93
N LEU C 15 -2.31 18.03 22.31
CA LEU C 15 -1.43 17.53 21.23
C LEU C 15 -0.42 16.53 21.77
N ALA C 16 0.14 16.79 22.96
CA ALA C 16 1.10 15.90 23.59
C ALA C 16 0.44 14.57 23.94
N GLU C 17 -0.86 14.58 24.30
CA GLU C 17 -1.64 13.38 24.60
C GLU C 17 -1.76 12.52 23.34
N GLN C 18 -1.98 13.16 22.20
CA GLN C 18 -2.10 12.49 20.91
C GLN C 18 -0.74 11.97 20.41
N ALA C 19 0.37 12.65 20.79
CA ALA C 19 1.72 12.25 20.41
C ALA C 19 2.33 11.32 21.45
N GLU C 20 1.60 11.05 22.55
CA GLU C 20 1.98 10.19 23.68
C GLU C 20 3.30 10.64 24.35
N ARG C 21 3.47 11.97 24.48
CA ARG C 21 4.61 12.62 25.12
C ARG C 21 4.10 13.13 26.46
N TYR C 22 3.97 12.20 27.41
CA TYR C 22 3.35 12.48 28.70
C TYR C 22 4.15 13.40 29.60
N GLU C 23 5.47 13.38 29.46
CA GLU C 23 6.34 14.26 30.24
C GLU C 23 6.03 15.71 29.86
N ASP C 24 5.86 15.97 28.54
CA ASP C 24 5.54 17.29 27.99
C ASP C 24 4.13 17.68 28.34
N MET C 25 3.18 16.71 28.29
CA MET C 25 1.77 16.89 28.65
C MET C 25 1.64 17.39 30.11
N ALA C 26 2.40 16.77 31.02
CA ALA C 26 2.49 17.13 32.43
C ALA C 26 2.97 18.56 32.58
N ALA C 27 4.08 18.91 31.88
CA ALA C 27 4.67 20.25 31.91
C ALA C 27 3.68 21.33 31.45
N PHE C 28 2.88 21.05 30.42
CA PHE C 28 1.87 21.99 29.90
C PHE C 28 0.73 22.21 30.90
N MET C 29 0.27 21.11 31.54
CA MET C 29 -0.80 21.14 32.55
C MET C 29 -0.37 21.88 33.82
N LYS C 30 0.90 21.68 34.23
CA LYS C 30 1.50 22.36 35.37
C LYS C 30 1.46 23.87 35.12
N GLY C 31 1.92 24.30 33.94
CA GLY C 31 1.94 25.70 33.52
C GLY C 31 0.57 26.34 33.48
N ALA C 32 -0.43 25.57 33.02
CA ALA C 32 -1.81 26.01 32.92
C ALA C 32 -2.46 26.18 34.32
N VAL C 33 -2.16 25.25 35.26
CA VAL C 33 -2.63 25.30 36.65
C VAL C 33 -2.10 26.58 37.28
N GLU C 34 -0.80 26.86 37.04
CA GLU C 34 -0.06 28.02 37.53
C GLU C 34 -0.62 29.36 37.06
N LYS C 35 -1.57 29.36 36.10
CA LYS C 35 -2.23 30.59 35.67
C LYS C 35 -3.26 31.02 36.74
N GLY C 36 -3.57 30.09 37.65
CA GLY C 36 -4.49 30.31 38.76
C GLY C 36 -5.95 30.26 38.40
N GLU C 37 -6.29 29.57 37.30
CA GLU C 37 -7.68 29.43 36.90
C GLU C 37 -8.15 28.08 37.35
N GLU C 38 -9.46 27.96 37.64
CA GLU C 38 -10.04 26.68 38.03
C GLU C 38 -10.05 25.75 36.82
N LEU C 39 -9.83 24.45 37.06
CA LEU C 39 -9.83 23.45 35.99
C LEU C 39 -11.23 22.96 35.74
N SER C 40 -11.61 22.88 34.44
CA SER C 40 -12.90 22.33 34.02
C SER C 40 -12.79 20.80 34.14
N CYS C 41 -13.91 20.08 33.95
CA CYS C 41 -13.94 18.62 34.01
C CYS C 41 -12.89 17.99 33.09
N GLU C 42 -12.88 18.41 31.81
CA GLU C 42 -11.97 17.99 30.75
C GLU C 42 -10.50 18.22 31.14
N GLU C 43 -10.20 19.41 31.70
CA GLU C 43 -8.88 19.87 32.13
C GLU C 43 -8.29 19.07 33.31
N ARG C 44 -9.11 18.75 34.32
CA ARG C 44 -8.70 17.96 35.48
C ARG C 44 -8.27 16.57 35.04
N ASN C 45 -8.97 16.00 34.05
CA ASN C 45 -8.68 14.69 33.48
C ASN C 45 -7.40 14.70 32.67
N LEU C 46 -7.10 15.81 31.97
CA LEU C 46 -5.84 15.96 31.23
C LEU C 46 -4.68 15.98 32.23
N LEU C 47 -4.86 16.73 33.35
CA LEU C 47 -3.85 16.83 34.40
C LEU C 47 -3.59 15.47 35.07
N SER C 48 -4.67 14.72 35.44
CA SER C 48 -4.61 13.39 36.07
C SER C 48 -3.91 12.33 35.17
N VAL C 49 -4.20 12.35 33.84
CA VAL C 49 -3.63 11.46 32.79
C VAL C 49 -2.11 11.70 32.63
N ALA C 50 -1.73 13.00 32.42
CA ALA C 50 -0.37 13.54 32.22
C ALA C 50 0.62 13.09 33.32
N TYR C 51 0.20 13.10 34.58
CA TYR C 51 1.01 12.71 35.72
C TYR C 51 0.85 11.25 36.06
N LYS C 52 -0.33 10.66 35.81
CA LYS C 52 -0.53 9.23 36.09
C LYS C 52 0.35 8.35 35.23
N ASN C 53 0.51 8.70 33.93
CA ASN C 53 1.33 7.97 32.96
C ASN C 53 2.80 8.04 33.29
N VAL C 54 3.25 9.23 33.68
CA VAL C 54 4.63 9.54 34.04
C VAL C 54 5.05 8.73 35.26
N VAL C 55 4.28 8.86 36.35
CA VAL C 55 4.55 8.19 37.62
C VAL C 55 4.40 6.66 37.45
N GLY C 56 3.41 6.23 36.65
CA GLY C 56 3.14 4.83 36.35
C GLY C 56 4.36 4.12 35.81
N GLY C 57 5.00 4.75 34.82
CA GLY C 57 6.22 4.26 34.18
C GLY C 57 7.38 4.17 35.13
N GLN C 58 7.53 5.16 36.04
CA GLN C 58 8.60 5.17 37.03
C GLN C 58 8.40 4.09 38.08
N ARG C 59 7.14 3.89 38.54
CA ARG C 59 6.82 2.88 39.54
C ARG C 59 7.08 1.48 39.03
N ALA C 60 6.65 1.20 37.78
CA ALA C 60 6.83 -0.08 37.09
C ALA C 60 8.31 -0.45 36.99
N ALA C 61 9.15 0.53 36.60
CA ALA C 61 10.59 0.39 36.48
C ALA C 61 11.24 0.16 37.86
N TRP C 62 10.81 0.93 38.90
CA TRP C 62 11.33 0.78 40.27
C TRP C 62 11.07 -0.64 40.80
N ARG C 63 9.88 -1.20 40.52
CA ARG C 63 9.50 -2.54 40.95
C ARG C 63 10.38 -3.59 40.32
N VAL C 64 10.66 -3.45 39.00
CA VAL C 64 11.53 -4.34 38.22
C VAL C 64 12.91 -4.36 38.85
N LEU C 65 13.49 -3.16 39.12
CA LEU C 65 14.82 -2.99 39.71
C LEU C 65 14.90 -3.49 41.15
N SER C 66 13.90 -3.14 41.98
CA SER C 66 13.84 -3.57 43.37
C SER C 66 13.78 -5.10 43.42
N SER C 67 13.01 -5.73 42.50
CA SER C 67 12.90 -7.18 42.36
C SER C 67 14.26 -7.82 42.04
N ILE C 68 15.03 -7.21 41.13
CA ILE C 68 16.36 -7.69 40.73
C ILE C 68 17.32 -7.54 41.91
N GLU C 69 17.28 -6.39 42.61
CA GLU C 69 18.10 -6.12 43.79
C GLU C 69 17.89 -7.18 44.90
N GLN C 70 16.66 -7.72 45.02
CA GLN C 70 16.33 -8.74 46.03
C GLN C 70 16.76 -10.15 45.62
N LYS C 71 16.73 -10.45 44.30
CA LYS C 71 17.12 -11.78 43.78
C LYS C 71 18.64 -11.96 43.64
N SER C 72 19.39 -10.88 43.81
CA SER C 72 20.85 -10.92 43.71
C SER C 72 21.49 -11.17 45.07
N ASN C 73 20.78 -10.80 46.13
CA ASN C 73 21.27 -10.99 47.49
C ASN C 73 21.67 -12.44 47.72
N GLU C 74 20.78 -13.36 47.34
CA GLU C 74 21.03 -14.78 47.48
C GLU C 74 21.51 -15.35 46.16
N GLU C 75 22.71 -14.96 45.76
CA GLU C 75 23.61 -14.17 46.64
C GLU C 75 24.85 -13.72 45.87
N ALA C 79 26.73 -10.47 36.98
CA ALA C 79 27.35 -9.62 37.99
C ALA C 79 26.38 -8.98 38.98
N ALA C 80 26.63 -9.16 40.29
CA ALA C 80 25.81 -8.56 41.36
C ALA C 80 26.24 -7.10 41.47
N GLY C 81 27.21 -6.80 42.35
CA GLY C 81 27.77 -5.47 42.55
C GLY C 81 26.82 -4.37 43.01
N PRO C 82 27.36 -3.18 43.38
CA PRO C 82 26.48 -2.08 43.84
C PRO C 82 25.74 -1.30 42.75
N GLU C 83 25.93 -1.65 41.47
CA GLU C 83 25.33 -0.98 40.31
C GLU C 83 23.80 -0.98 40.34
N VAL C 84 23.20 -2.08 40.79
CA VAL C 84 21.76 -2.26 40.89
C VAL C 84 21.15 -1.25 41.86
N ARG C 85 21.76 -1.14 43.05
CA ARG C 85 21.32 -0.23 44.10
C ARG C 85 21.43 1.20 43.61
N GLU C 86 22.60 1.56 43.02
CA GLU C 86 22.91 2.88 42.46
C GLU C 86 21.80 3.38 41.53
N TYR C 87 21.34 2.50 40.60
CA TYR C 87 20.32 2.76 39.57
C TYR C 87 18.92 2.74 40.12
N ARG C 88 18.62 1.83 41.06
CA ARG C 88 17.31 1.76 41.70
C ARG C 88 17.08 3.06 42.50
N GLU C 89 18.15 3.60 43.12
CA GLU C 89 18.13 4.86 43.88
C GLU C 89 17.85 6.03 42.95
N LYS C 90 18.46 6.03 41.73
CA LYS C 90 18.27 7.07 40.72
C LYS C 90 16.79 7.14 40.33
N VAL C 91 16.19 5.98 40.01
CA VAL C 91 14.79 5.87 39.63
C VAL C 91 13.89 6.34 40.77
N GLU C 92 14.18 5.90 42.01
CA GLU C 92 13.47 6.25 43.24
C GLU C 92 13.43 7.78 43.43
N THR C 93 14.61 8.42 43.31
CA THR C 93 14.81 9.87 43.45
C THR C 93 14.01 10.66 42.41
N GLU C 94 14.02 10.20 41.15
CA GLU C 94 13.30 10.80 40.02
C GLU C 94 11.80 10.80 40.29
N LEU C 95 11.29 9.65 40.78
CA LEU C 95 9.90 9.39 41.14
C LEU C 95 9.45 10.33 42.24
N GLN C 96 10.30 10.52 43.28
CA GLN C 96 10.04 11.40 44.41
C GLN C 96 9.85 12.84 43.97
N GLY C 97 10.68 13.29 43.02
CA GLY C 97 10.62 14.63 42.44
C GLY C 97 9.27 14.93 41.82
N VAL C 98 8.72 13.94 41.05
CA VAL C 98 7.40 14.00 40.38
C VAL C 98 6.26 14.11 41.41
N CYS C 99 6.25 13.22 42.43
CA CYS C 99 5.24 13.21 43.48
C CYS C 99 5.23 14.51 44.24
N ASP C 100 6.43 15.02 44.59
CA ASP C 100 6.58 16.28 45.31
C ASP C 100 6.04 17.44 44.49
N THR C 101 6.28 17.44 43.17
CA THR C 101 5.78 18.43 42.22
C THR C 101 4.25 18.42 42.20
N VAL C 102 3.65 17.21 42.09
CA VAL C 102 2.18 17.02 42.07
C VAL C 102 1.57 17.54 43.37
N LEU C 103 2.07 17.05 44.53
CA LEU C 103 1.59 17.46 45.84
C LEU C 103 1.81 18.95 46.14
N GLY C 104 2.90 19.47 45.59
CA GLY C 104 3.28 20.87 45.69
C GLY C 104 2.25 21.78 45.06
N LEU C 105 1.60 21.37 43.96
CA LEU C 105 0.58 22.22 43.36
C LEU C 105 -0.83 21.78 43.81
N LEU C 106 -0.95 20.57 44.41
CA LEU C 106 -2.18 20.06 45.03
C LEU C 106 -2.36 20.79 46.37
N ASP C 107 -1.31 21.53 46.79
CA ASP C 107 -1.32 22.36 47.99
C ASP C 107 -1.52 23.83 47.63
N SER C 108 -0.58 24.47 46.87
CA SER C 108 -0.72 25.87 46.46
C SER C 108 -0.75 26.06 44.92
N HIS C 109 -1.95 25.99 44.27
CA HIS C 109 -3.26 25.69 44.88
C HIS C 109 -4.10 24.79 43.99
N LEU C 110 -4.89 23.90 44.61
CA LEU C 110 -5.84 23.03 43.92
C LEU C 110 -7.06 22.70 44.79
N ILE C 111 -6.86 22.17 46.02
CA ILE C 111 -7.99 21.85 46.90
C ILE C 111 -8.51 23.09 47.63
N LYS C 112 -7.62 24.09 47.86
CA LYS C 112 -7.99 25.35 48.49
C LYS C 112 -8.65 26.34 47.51
N GLU C 113 -8.35 26.18 46.18
CA GLU C 113 -8.82 26.96 45.00
C GLU C 113 -10.22 26.50 44.43
N ALA C 114 -10.62 25.21 44.70
CA ALA C 114 -11.87 24.56 44.25
C ALA C 114 -13.10 24.97 45.12
N GLY C 115 -14.26 25.21 44.47
CA GLY C 115 -15.49 25.61 45.14
C GLY C 115 -16.46 24.47 45.45
N ASP C 116 -16.91 23.76 44.40
CA ASP C 116 -17.87 22.67 44.54
C ASP C 116 -17.26 21.39 45.15
N ALA C 117 -18.11 20.49 45.67
CA ALA C 117 -17.71 19.25 46.35
C ALA C 117 -17.04 18.20 45.46
N GLU C 118 -17.56 17.95 44.22
CA GLU C 118 -17.03 16.94 43.27
C GLU C 118 -15.56 17.17 42.99
N SER C 119 -15.22 18.45 42.70
CA SER C 119 -13.90 18.99 42.40
C SER C 119 -12.97 18.94 43.62
N ARG C 120 -13.50 19.28 44.79
CA ARG C 120 -12.74 19.25 46.03
C ARG C 120 -12.34 17.80 46.38
N VAL C 121 -13.26 16.82 46.16
CA VAL C 121 -13.06 15.37 46.39
C VAL C 121 -12.01 14.81 45.44
N PHE C 122 -12.09 15.19 44.15
CA PHE C 122 -11.17 14.79 43.08
C PHE C 122 -9.71 15.09 43.46
N TYR C 123 -9.45 16.33 43.93
CA TYR C 123 -8.14 16.82 44.31
C TYR C 123 -7.63 16.17 45.60
N LEU C 124 -8.52 15.97 46.61
CA LEU C 124 -8.23 15.34 47.93
C LEU C 124 -8.04 13.80 47.83
N LYS C 125 -8.50 13.20 46.73
CA LYS C 125 -8.29 11.79 46.39
C LYS C 125 -6.89 11.72 45.76
N MET C 126 -6.61 12.63 44.79
CA MET C 126 -5.32 12.74 44.11
C MET C 126 -4.17 12.96 45.11
N LYS C 127 -4.39 13.82 46.12
CA LYS C 127 -3.41 14.09 47.17
C LYS C 127 -3.11 12.83 48.00
N GLY C 128 -4.13 12.03 48.30
CA GLY C 128 -4.00 10.77 49.02
C GLY C 128 -3.27 9.73 48.19
N ASP C 129 -3.54 9.73 46.85
CA ASP C 129 -2.94 8.87 45.85
C ASP C 129 -1.45 9.11 45.73
N TYR C 130 -1.01 10.40 45.66
CA TYR C 130 0.41 10.71 45.48
C TYR C 130 1.25 10.54 46.75
N TYR C 131 0.63 10.68 47.95
CA TYR C 131 1.33 10.39 49.20
C TYR C 131 1.49 8.90 49.31
N ARG C 132 0.46 8.14 48.86
CA ARG C 132 0.46 6.68 48.82
C ARG C 132 1.61 6.18 47.92
N TYR C 133 1.88 6.88 46.80
CA TYR C 133 2.97 6.53 45.88
C TYR C 133 4.31 6.74 46.55
N LEU C 134 4.47 7.84 47.29
CA LEU C 134 5.69 8.14 48.03
C LEU C 134 6.00 7.07 49.07
N ALA C 135 4.97 6.38 49.57
CA ALA C 135 5.09 5.31 50.54
C ALA C 135 5.62 4.02 49.92
N GLU C 136 5.12 3.62 48.73
CA GLU C 136 5.55 2.38 48.04
C GLU C 136 7.08 2.26 47.89
N VAL C 137 7.82 3.41 47.95
CA VAL C 137 9.30 3.51 47.90
C VAL C 137 9.95 3.72 49.29
N ALA C 138 9.37 4.62 50.14
CA ALA C 138 9.86 4.98 51.47
C ALA C 138 9.79 3.84 52.51
N THR C 139 10.84 3.71 53.33
CA THR C 139 10.93 2.62 54.32
C THR C 139 11.34 3.04 55.73
N GLY C 140 12.19 4.07 55.84
CA GLY C 140 12.75 4.56 57.10
C GLY C 140 11.76 5.11 58.10
N ASP C 141 12.24 6.04 58.95
CA ASP C 141 11.42 6.73 59.95
C ASP C 141 10.33 7.53 59.22
N ASP C 142 10.65 7.90 57.96
CA ASP C 142 9.84 8.65 57.03
C ASP C 142 8.59 7.92 56.53
N LYS C 143 8.66 6.54 56.37
CA LYS C 143 7.55 5.65 55.91
C LYS C 143 6.24 5.84 56.69
N LYS C 144 6.35 6.15 58.00
CA LYS C 144 5.23 6.36 58.93
C LYS C 144 4.50 7.70 58.75
N ARG C 145 5.27 8.80 58.66
CA ARG C 145 4.77 10.18 58.45
C ARG C 145 3.97 10.23 57.15
N ILE C 146 4.59 9.74 56.06
CA ILE C 146 4.01 9.68 54.71
C ILE C 146 2.70 8.90 54.71
N ILE C 147 2.68 7.67 55.33
CA ILE C 147 1.47 6.84 55.44
C ILE C 147 0.36 7.66 56.09
N ASP C 148 0.71 8.41 57.15
CA ASP C 148 -0.23 9.24 57.87
C ASP C 148 -0.74 10.44 57.11
N SER C 149 0.10 11.05 56.26
CA SER C 149 -0.30 12.18 55.42
C SER C 149 -1.26 11.70 54.32
N ALA C 150 -1.10 10.44 53.84
CA ALA C 150 -1.98 9.81 52.85
C ALA C 150 -3.31 9.49 53.54
N ARG C 151 -3.25 9.02 54.81
CA ARG C 151 -4.42 8.67 55.65
C ARG C 151 -5.33 9.86 55.98
N SER C 152 -4.77 10.94 56.56
CA SER C 152 -5.49 12.17 56.93
C SER C 152 -6.06 12.91 55.71
N ALA C 153 -5.51 12.60 54.51
CA ALA C 153 -5.94 13.13 53.22
C ALA C 153 -7.14 12.34 52.72
N TYR C 154 -7.10 10.99 52.87
CA TYR C 154 -8.17 10.08 52.46
C TYR C 154 -9.42 10.18 53.37
N GLN C 155 -9.24 10.44 54.69
CA GLN C 155 -10.34 10.57 55.66
C GLN C 155 -11.13 11.87 55.45
N GLU C 156 -10.43 13.01 55.19
CA GLU C 156 -11.03 14.34 54.91
C GLU C 156 -11.81 14.28 53.58
N ALA C 157 -11.35 13.41 52.66
CA ALA C 157 -11.96 13.14 51.37
C ALA C 157 -13.13 12.19 51.55
N MET C 158 -13.02 11.18 52.46
CA MET C 158 -14.07 10.19 52.75
C MET C 158 -15.31 10.78 53.44
N ASP C 159 -15.20 12.05 53.97
CA ASP C 159 -16.27 12.75 54.68
C ASP C 159 -16.98 13.89 53.85
N ILE C 160 -16.32 14.49 52.82
CA ILE C 160 -16.96 15.47 51.91
C ILE C 160 -17.57 14.68 50.69
N SER C 161 -17.70 13.32 50.86
CA SER C 161 -18.20 12.31 49.90
C SER C 161 -19.51 11.58 50.32
N LYS C 162 -19.54 10.98 51.53
CA LYS C 162 -20.73 10.32 52.08
C LYS C 162 -21.83 11.35 52.37
N LYS C 163 -21.41 12.56 52.79
CA LYS C 163 -22.28 13.68 53.12
C LYS C 163 -22.60 14.62 51.94
N GLU C 164 -22.05 14.34 50.74
CA GLU C 164 -22.29 15.17 49.56
C GLU C 164 -22.73 14.39 48.31
N MET C 165 -22.40 13.09 48.23
CA MET C 165 -22.66 12.29 47.05
C MET C 165 -23.45 11.01 47.30
N PRO C 166 -24.26 10.56 46.30
CA PRO C 166 -25.00 9.29 46.46
C PRO C 166 -24.04 8.11 46.52
N PRO C 167 -24.40 6.97 47.17
CA PRO C 167 -23.46 5.83 47.26
C PRO C 167 -23.05 5.17 45.93
N THR C 168 -23.75 5.52 44.82
CA THR C 168 -23.49 5.03 43.46
C THR C 168 -22.63 5.96 42.60
N ASN C 169 -22.30 7.17 43.13
CA ASN C 169 -21.46 8.14 42.41
C ASN C 169 -20.06 7.53 42.14
N PRO C 170 -19.59 7.57 40.86
CA PRO C 170 -18.30 6.96 40.53
C PRO C 170 -17.07 7.56 41.21
N ILE C 171 -17.07 8.89 41.52
CA ILE C 171 -15.95 9.57 42.21
C ILE C 171 -15.82 8.99 43.63
N ARG C 172 -16.95 8.97 44.39
CA ARG C 172 -17.07 8.42 45.75
C ARG C 172 -16.69 6.91 45.82
N LEU C 173 -17.04 6.10 44.76
CA LEU C 173 -16.68 4.67 44.64
C LEU C 173 -15.17 4.52 44.41
N GLY C 174 -14.64 5.33 43.50
CA GLY C 174 -13.22 5.38 43.16
C GLY C 174 -12.34 5.69 44.36
N LEU C 175 -12.73 6.73 45.13
CA LEU C 175 -12.02 7.14 46.34
C LEU C 175 -11.99 6.02 47.41
N ALA C 176 -13.15 5.39 47.66
CA ALA C 176 -13.29 4.31 48.63
C ALA C 176 -12.43 3.12 48.25
N LEU C 177 -12.44 2.76 46.94
CA LEU C 177 -11.64 1.67 46.39
C LEU C 177 -10.15 1.87 46.66
N ASN C 178 -9.64 3.08 46.39
CA ASN C 178 -8.24 3.44 46.62
C ASN C 178 -7.88 3.46 48.11
N PHE C 179 -8.76 4.03 48.97
CA PHE C 179 -8.52 4.07 50.42
C PHE C 179 -8.45 2.67 51.01
N SER C 180 -9.27 1.73 50.50
CA SER C 180 -9.26 0.34 50.96
C SER C 180 -7.95 -0.37 50.55
N VAL C 181 -7.46 -0.09 49.33
CA VAL C 181 -6.18 -0.61 48.81
C VAL C 181 -5.03 -0.11 49.74
N PHE C 182 -5.08 1.22 50.18
CA PHE C 182 -4.13 1.90 51.13
C PHE C 182 -4.11 1.20 52.48
N HIS C 183 -5.28 0.69 52.90
CA HIS C 183 -5.35 -0.05 54.15
C HIS C 183 -4.70 -1.41 54.00
N TYR C 184 -5.06 -2.18 52.95
CA TYR C 184 -4.54 -3.53 52.76
C TYR C 184 -3.04 -3.61 52.52
N GLU C 185 -2.57 -2.88 51.51
CA GLU C 185 -1.19 -2.92 51.01
C GLU C 185 -0.18 -2.05 51.73
N ILE C 186 -0.55 -0.82 52.09
CA ILE C 186 0.34 0.17 52.69
C ILE C 186 0.34 0.12 54.21
N ALA C 187 -0.82 0.40 54.83
CA ALA C 187 -0.99 0.44 56.29
C ALA C 187 -0.93 -0.95 56.92
N ASN C 188 -1.15 -2.00 56.11
CA ASN C 188 -1.24 -3.41 56.48
C ASN C 188 -2.25 -3.62 57.62
N SER C 189 -3.48 -3.15 57.35
CA SER C 189 -4.69 -3.27 58.15
C SER C 189 -5.67 -4.00 57.20
N PRO C 190 -5.44 -5.31 56.92
CA PRO C 190 -6.32 -6.03 55.98
C PRO C 190 -7.80 -6.04 56.33
N GLU C 191 -8.14 -6.13 57.64
CA GLU C 191 -9.51 -6.18 58.16
C GLU C 191 -10.30 -4.92 57.80
N GLU C 192 -9.69 -3.73 58.04
CA GLU C 192 -10.22 -2.39 57.74
C GLU C 192 -10.48 -2.24 56.23
N ALA C 193 -9.56 -2.80 55.40
CA ALA C 193 -9.63 -2.80 53.95
C ALA C 193 -10.82 -3.61 53.49
N ILE C 194 -10.91 -4.90 53.93
CA ILE C 194 -12.01 -5.83 53.62
C ILE C 194 -13.36 -5.20 54.00
N SER C 195 -13.46 -4.71 55.26
CA SER C 195 -14.66 -4.06 55.80
C SER C 195 -15.10 -2.87 54.96
N LEU C 196 -14.20 -1.90 54.70
CA LEU C 196 -14.48 -0.71 53.89
C LEU C 196 -14.97 -1.08 52.49
N ALA C 197 -14.30 -2.07 51.86
CA ALA C 197 -14.62 -2.54 50.52
C ALA C 197 -16.01 -3.14 50.43
N LYS C 198 -16.32 -4.07 51.36
CA LYS C 198 -17.62 -4.73 51.39
C LYS C 198 -18.75 -3.73 51.62
N THR C 199 -18.57 -2.82 52.60
CA THR C 199 -19.52 -1.78 52.97
C THR C 199 -19.86 -0.91 51.75
N THR C 200 -18.82 -0.39 51.06
CA THR C 200 -18.95 0.45 49.88
C THR C 200 -19.73 -0.27 48.78
N PHE C 201 -19.40 -1.56 48.57
CA PHE C 201 -20.05 -2.41 47.58
C PHE C 201 -21.55 -2.55 47.87
N ASP C 202 -21.90 -3.07 49.06
CA ASP C 202 -23.27 -3.35 49.48
C ASP C 202 -24.19 -2.11 49.51
N GLU C 203 -23.64 -0.91 49.85
CA GLU C 203 -24.38 0.37 49.87
C GLU C 203 -24.68 0.86 48.46
N ALA C 204 -23.70 0.70 47.54
CA ALA C 204 -23.87 1.05 46.13
C ALA C 204 -24.82 0.04 45.49
N MET C 205 -24.76 -1.25 45.92
CA MET C 205 -25.60 -2.36 45.45
C MET C 205 -27.09 -2.10 45.70
N ALA C 206 -27.42 -1.59 46.89
CA ALA C 206 -28.78 -1.25 47.29
C ALA C 206 -29.36 -0.11 46.44
N ASP C 207 -28.49 0.75 45.88
CA ASP C 207 -28.89 1.91 45.10
C ASP C 207 -28.70 1.80 43.57
N LEU C 208 -28.48 0.58 43.05
CA LEU C 208 -28.25 0.34 41.62
C LEU C 208 -29.41 0.75 40.74
N HIS C 209 -30.63 0.36 41.15
CA HIS C 209 -31.89 0.63 40.47
C HIS C 209 -32.13 2.13 40.18
N THR C 210 -31.56 3.03 41.03
CA THR C 210 -31.68 4.50 40.90
C THR C 210 -30.73 5.10 39.86
N LEU C 211 -29.79 4.30 39.32
CA LEU C 211 -28.83 4.78 38.33
C LEU C 211 -29.41 5.00 36.91
N SER C 212 -28.87 6.00 36.20
CA SER C 212 -29.21 6.37 34.82
C SER C 212 -28.32 5.54 33.88
N GLU C 213 -28.71 5.40 32.61
CA GLU C 213 -28.02 4.62 31.57
C GLU C 213 -26.50 4.84 31.48
N ASP C 214 -26.05 6.11 31.44
CA ASP C 214 -24.61 6.43 31.28
C ASP C 214 -23.77 6.15 32.51
N SER C 215 -24.29 6.41 33.73
CA SER C 215 -23.58 6.15 35.00
C SER C 215 -23.54 4.67 35.36
N TYR C 216 -24.57 3.90 34.85
CA TYR C 216 -24.77 2.44 35.00
C TYR C 216 -23.49 1.69 34.64
N LYS C 217 -22.81 2.08 33.54
CA LYS C 217 -21.58 1.48 33.00
C LYS C 217 -20.37 1.75 33.89
N ASP C 218 -20.14 3.04 34.21
CA ASP C 218 -19.03 3.56 35.00
C ASP C 218 -19.00 3.05 36.44
N SER C 219 -20.15 3.11 37.13
CA SER C 219 -20.29 2.68 38.51
C SER C 219 -20.14 1.16 38.69
N THR C 220 -20.77 0.36 37.79
CA THR C 220 -20.68 -1.11 37.83
C THR C 220 -19.25 -1.58 37.54
N LEU C 221 -18.52 -0.83 36.70
CA LEU C 221 -17.13 -1.13 36.38
C LEU C 221 -16.26 -1.04 37.66
N ILE C 222 -16.43 0.03 38.47
CA ILE C 222 -15.71 0.25 39.75
C ILE C 222 -16.07 -0.82 40.79
N MET C 223 -17.36 -1.19 40.83
CA MET C 223 -17.89 -2.22 41.71
C MET C 223 -17.31 -3.59 41.32
N GLN C 224 -16.94 -3.78 40.02
CA GLN C 224 -16.32 -5.01 39.51
C GLN C 224 -14.91 -5.14 40.10
N LEU C 225 -14.13 -4.05 40.09
CA LEU C 225 -12.76 -4.00 40.62
C LEU C 225 -12.76 -4.21 42.14
N LEU C 226 -13.90 -3.92 42.80
CA LEU C 226 -14.13 -4.09 44.24
C LEU C 226 -14.58 -5.53 44.62
N ARG C 227 -15.31 -6.27 43.72
CA ARG C 227 -15.69 -7.69 43.90
C ARG C 227 -14.51 -8.61 43.47
N ASP C 228 -13.60 -8.08 42.60
CA ASP C 228 -12.38 -8.77 42.17
C ASP C 228 -11.38 -8.79 43.30
N ASN C 229 -11.06 -7.60 43.88
CA ASN C 229 -10.14 -7.39 45.00
C ASN C 229 -10.56 -8.25 46.21
N LEU C 230 -11.87 -8.21 46.59
CA LEU C 230 -12.48 -8.93 47.73
C LEU C 230 -12.55 -10.49 47.57
N THR C 231 -12.48 -11.02 46.32
CA THR C 231 -12.45 -12.48 46.03
C THR C 231 -10.95 -12.91 45.80
N LEU C 232 -10.02 -11.92 45.78
CA LEU C 232 -8.58 -12.15 45.67
C LEU C 232 -7.89 -12.06 47.04
N TRP C 233 -8.15 -10.97 47.78
CA TRP C 233 -7.57 -10.67 49.09
C TRP C 233 -7.94 -11.71 50.19
N THR C 234 -9.23 -12.12 50.28
CA THR C 234 -9.76 -13.08 51.27
C THR C 234 -9.51 -14.58 50.85
N GLU D 5 7.03 12.13 -39.73
CA GLU D 5 8.12 11.59 -40.57
C GLU D 5 8.12 10.05 -40.53
N ARG D 6 8.81 9.37 -41.49
CA ARG D 6 8.86 7.89 -41.57
C ARG D 6 9.55 7.22 -40.36
N ALA D 7 10.72 7.74 -39.91
CA ALA D 7 11.47 7.23 -38.76
C ALA D 7 10.68 7.29 -37.46
N SER D 8 9.90 8.38 -37.27
CA SER D 8 9.05 8.61 -36.10
C SER D 8 7.92 7.60 -36.07
N LEU D 9 7.21 7.43 -37.22
CA LEU D 9 6.09 6.50 -37.41
C LEU D 9 6.47 5.06 -37.11
N ILE D 10 7.66 4.64 -37.56
CA ILE D 10 8.22 3.33 -37.35
C ILE D 10 8.52 3.13 -35.88
N GLN D 11 9.16 4.14 -35.25
CA GLN D 11 9.50 4.11 -33.82
C GLN D 11 8.21 3.99 -32.96
N LYS D 12 7.19 4.80 -33.31
CA LYS D 12 5.89 4.81 -32.65
C LYS D 12 5.11 3.51 -32.82
N ALA D 13 5.20 2.86 -33.97
CA ALA D 13 4.55 1.57 -34.20
C ALA D 13 5.15 0.52 -33.22
N LYS D 14 6.47 0.60 -32.98
CA LYS D 14 7.17 -0.29 -32.06
C LYS D 14 6.69 -0.08 -30.65
N LEU D 15 6.44 1.19 -30.26
CA LEU D 15 5.93 1.54 -28.92
C LEU D 15 4.51 1.04 -28.73
N ALA D 16 3.67 1.13 -29.77
CA ALA D 16 2.28 0.66 -29.75
C ALA D 16 2.24 -0.85 -29.61
N GLU D 17 3.21 -1.57 -30.21
CA GLU D 17 3.32 -3.02 -30.08
C GLU D 17 3.62 -3.42 -28.61
N GLN D 18 4.46 -2.64 -27.94
CA GLN D 18 4.82 -2.85 -26.54
C GLN D 18 3.66 -2.46 -25.59
N ALA D 19 2.83 -1.47 -25.99
CA ALA D 19 1.66 -1.03 -25.23
C ALA D 19 0.41 -1.85 -25.62
N GLU D 20 0.53 -2.77 -26.62
CA GLU D 20 -0.53 -3.66 -27.14
C GLU D 20 -1.75 -2.86 -27.66
N ARG D 21 -1.48 -1.72 -28.31
CA ARG D 21 -2.48 -0.83 -28.91
C ARG D 21 -2.38 -1.06 -30.40
N TYR D 22 -2.97 -2.17 -30.87
CA TYR D 22 -2.84 -2.62 -32.24
C TYR D 22 -3.53 -1.76 -33.26
N GLU D 23 -4.60 -1.09 -32.86
CA GLU D 23 -5.30 -0.17 -33.73
C GLU D 23 -4.36 0.97 -34.08
N ASP D 24 -3.62 1.50 -33.09
CA ASP D 24 -2.67 2.60 -33.24
C ASP D 24 -1.45 2.14 -34.01
N MET D 25 -0.98 0.90 -33.75
CA MET D 25 0.16 0.26 -34.43
C MET D 25 -0.12 0.18 -35.94
N ALA D 26 -1.35 -0.25 -36.31
CA ALA D 26 -1.83 -0.32 -37.70
C ALA D 26 -1.79 1.04 -38.34
N ALA D 27 -2.31 2.08 -37.66
CA ALA D 27 -2.34 3.46 -38.13
C ALA D 27 -0.95 3.99 -38.42
N PHE D 28 0.02 3.68 -37.55
CA PHE D 28 1.41 4.13 -37.75
C PHE D 28 2.09 3.46 -38.95
N MET D 29 1.84 2.14 -39.11
CA MET D 29 2.37 1.34 -40.23
C MET D 29 1.76 1.78 -41.56
N LYS D 30 0.46 2.09 -41.57
CA LYS D 30 -0.25 2.59 -42.74
C LYS D 30 0.43 3.88 -43.21
N GLY D 31 0.65 4.79 -42.26
CA GLY D 31 1.30 6.07 -42.52
C GLY D 31 2.71 5.94 -43.07
N ALA D 32 3.46 4.98 -42.53
CA ALA D 32 4.81 4.72 -42.94
C ALA D 32 4.88 4.12 -44.36
N VAL D 33 3.92 3.21 -44.70
CA VAL D 33 3.79 2.60 -46.04
C VAL D 33 3.55 3.73 -47.04
N GLU D 34 2.64 4.68 -46.65
CA GLU D 34 2.23 5.84 -47.43
C GLU D 34 3.37 6.80 -47.76
N LYS D 35 4.56 6.63 -47.14
CA LYS D 35 5.73 7.45 -47.46
C LYS D 35 6.33 6.97 -48.79
N GLY D 36 5.87 5.79 -49.26
CA GLY D 36 6.29 5.19 -50.52
C GLY D 36 7.64 4.53 -50.49
N GLU D 37 8.10 4.11 -49.31
CA GLU D 37 9.38 3.43 -49.16
C GLU D 37 9.10 1.98 -49.04
N GLU D 38 10.02 1.14 -49.51
CA GLU D 38 9.88 -0.31 -49.40
C GLU D 38 10.08 -0.71 -47.95
N LEU D 39 9.36 -1.76 -47.51
CA LEU D 39 9.45 -2.23 -46.13
C LEU D 39 10.54 -3.24 -45.99
N SER D 40 11.33 -3.09 -44.91
CA SER D 40 12.39 -4.03 -44.56
C SER D 40 11.72 -5.26 -43.94
N CYS D 41 12.50 -6.32 -43.67
CA CYS D 41 12.01 -7.55 -43.06
C CYS D 41 11.24 -7.27 -41.74
N GLU D 42 11.88 -6.50 -40.84
CA GLU D 42 11.37 -6.06 -39.54
C GLU D 42 10.05 -5.30 -39.70
N GLU D 43 10.02 -4.36 -40.66
CA GLU D 43 8.89 -3.48 -40.95
C GLU D 43 7.67 -4.22 -41.51
N ARG D 44 7.90 -5.19 -42.42
CA ARG D 44 6.84 -5.98 -43.02
C ARG D 44 6.11 -6.75 -41.96
N ASN D 45 6.85 -7.27 -40.94
CA ASN D 45 6.33 -8.04 -39.79
C ASN D 45 5.56 -7.17 -38.81
N LEU D 46 5.98 -5.89 -38.62
CA LEU D 46 5.24 -4.93 -37.78
C LEU D 46 3.89 -4.66 -38.44
N LEU D 47 3.88 -4.49 -39.78
CA LEU D 47 2.66 -4.23 -40.55
C LEU D 47 1.70 -5.44 -40.49
N SER D 48 2.22 -6.70 -40.65
CA SER D 48 1.46 -7.97 -40.63
C SER D 48 0.77 -8.16 -39.28
N VAL D 49 1.53 -7.92 -38.16
CA VAL D 49 1.12 -8.01 -36.74
C VAL D 49 -0.03 -7.05 -36.39
N ALA D 50 0.18 -5.72 -36.59
CA ALA D 50 -0.75 -4.63 -36.36
C ALA D 50 -2.12 -4.90 -36.98
N TYR D 51 -2.20 -5.37 -38.25
CA TYR D 51 -3.46 -5.67 -38.94
C TYR D 51 -4.00 -7.05 -38.64
N LYS D 52 -3.13 -8.04 -38.38
CA LYS D 52 -3.61 -9.39 -38.04
C LYS D 52 -4.37 -9.40 -36.72
N ASN D 53 -3.86 -8.63 -35.70
CA ASN D 53 -4.45 -8.54 -34.37
C ASN D 53 -5.81 -7.88 -34.39
N VAL D 54 -5.90 -6.79 -35.18
CA VAL D 54 -7.10 -5.97 -35.37
C VAL D 54 -8.23 -6.80 -35.99
N VAL D 55 -7.95 -7.39 -37.18
CA VAL D 55 -8.91 -8.19 -37.94
C VAL D 55 -9.32 -9.45 -37.14
N GLY D 56 -8.34 -10.04 -36.43
CA GLY D 56 -8.51 -11.21 -35.58
C GLY D 56 -9.63 -11.01 -34.59
N GLY D 57 -9.56 -9.89 -33.88
CA GLY D 57 -10.55 -9.48 -32.89
C GLY D 57 -11.93 -9.25 -33.46
N GLN D 58 -12.00 -8.66 -34.66
CA GLN D 58 -13.27 -8.42 -35.32
C GLN D 58 -13.90 -9.72 -35.81
N ARG D 59 -13.08 -10.64 -36.36
CA ARG D 59 -13.58 -11.93 -36.86
C ARG D 59 -14.17 -12.77 -35.74
N ALA D 60 -13.47 -12.84 -34.60
CA ALA D 60 -13.86 -13.59 -33.41
C ALA D 60 -15.21 -13.14 -32.91
N ALA D 61 -15.39 -11.82 -32.83
CA ALA D 61 -16.63 -11.19 -32.41
C ALA D 61 -17.77 -11.46 -33.40
N TRP D 62 -17.49 -11.35 -34.71
CA TRP D 62 -18.47 -11.61 -35.76
C TRP D 62 -18.99 -13.04 -35.66
N ARG D 63 -18.09 -14.01 -35.41
CA ARG D 63 -18.44 -15.41 -35.29
C ARG D 63 -19.36 -15.66 -34.13
N VAL D 64 -19.08 -15.03 -32.98
CA VAL D 64 -19.90 -15.10 -31.75
C VAL D 64 -21.33 -14.64 -32.07
N LEU D 65 -21.45 -13.44 -32.68
CA LEU D 65 -22.74 -12.83 -33.03
C LEU D 65 -23.49 -13.61 -34.09
N SER D 66 -22.79 -14.03 -35.17
CA SER D 66 -23.38 -14.81 -36.25
C SER D 66 -23.93 -16.11 -35.68
N SER D 67 -23.19 -16.75 -34.76
CA SER D 67 -23.60 -17.99 -34.06
C SER D 67 -24.92 -17.78 -33.29
N ILE D 68 -25.03 -16.66 -32.57
CA ILE D 68 -26.24 -16.35 -31.81
C ILE D 68 -27.41 -16.12 -32.73
N GLU D 69 -27.17 -15.35 -33.81
CA GLU D 69 -28.15 -15.04 -34.85
C GLU D 69 -28.73 -16.32 -35.51
N GLN D 70 -27.90 -17.37 -35.65
CA GLN D 70 -28.33 -18.63 -36.26
C GLN D 70 -29.10 -19.53 -35.33
N LYS D 71 -28.77 -19.48 -34.01
CA LYS D 71 -29.44 -20.32 -33.01
C LYS D 71 -30.80 -19.76 -32.57
N SER D 72 -31.13 -18.52 -32.99
CA SER D 72 -32.40 -17.83 -32.73
C SER D 72 -33.40 -18.05 -33.88
N ASN D 73 -32.87 -18.25 -35.11
CA ASN D 73 -33.63 -18.54 -36.35
C ASN D 73 -33.96 -20.05 -36.43
N GLU D 74 -33.56 -20.83 -35.41
CA GLU D 74 -33.82 -22.27 -35.30
C GLU D 74 -35.16 -22.49 -34.63
N GLU D 75 -35.87 -23.55 -35.09
CA GLU D 75 -37.19 -23.97 -34.63
C GLU D 75 -37.18 -24.29 -33.14
N GLY D 81 -35.51 -10.78 -31.15
CA GLY D 81 -35.54 -9.44 -31.73
C GLY D 81 -34.50 -9.16 -32.82
N PRO D 82 -34.68 -8.06 -33.61
CA PRO D 82 -33.69 -7.74 -34.67
C PRO D 82 -32.38 -7.08 -34.21
N GLU D 83 -32.19 -6.90 -32.88
CA GLU D 83 -31.00 -6.27 -32.30
C GLU D 83 -29.71 -6.98 -32.65
N VAL D 84 -29.76 -8.32 -32.70
CA VAL D 84 -28.63 -9.22 -33.03
C VAL D 84 -28.12 -8.92 -34.43
N ARG D 85 -29.04 -8.86 -35.41
CA ARG D 85 -28.72 -8.56 -36.81
C ARG D 85 -28.08 -7.19 -36.95
N GLU D 86 -28.67 -6.14 -36.37
CA GLU D 86 -28.14 -4.77 -36.45
C GLU D 86 -26.69 -4.69 -35.96
N TYR D 87 -26.40 -5.35 -34.83
CA TYR D 87 -25.07 -5.33 -34.25
C TYR D 87 -24.08 -6.17 -35.00
N ARG D 88 -24.53 -7.34 -35.50
CA ARG D 88 -23.70 -8.23 -36.30
C ARG D 88 -23.29 -7.48 -37.59
N GLU D 89 -24.23 -6.68 -38.17
CA GLU D 89 -24.02 -5.85 -39.36
C GLU D 89 -22.98 -4.77 -39.09
N LYS D 90 -23.03 -4.12 -37.88
CA LYS D 90 -22.07 -3.10 -37.46
C LYS D 90 -20.65 -3.67 -37.47
N VAL D 91 -20.49 -4.82 -36.82
CA VAL D 91 -19.22 -5.54 -36.71
C VAL D 91 -18.71 -5.91 -38.10
N GLU D 92 -19.61 -6.47 -38.94
CA GLU D 92 -19.32 -6.90 -40.31
C GLU D 92 -18.77 -5.74 -41.14
N THR D 93 -19.45 -4.58 -41.08
CA THR D 93 -19.10 -3.33 -41.79
C THR D 93 -17.72 -2.82 -41.39
N GLU D 94 -17.43 -2.83 -40.08
CA GLU D 94 -16.16 -2.39 -39.50
C GLU D 94 -15.01 -3.23 -40.03
N LEU D 95 -15.22 -4.56 -40.06
CA LEU D 95 -14.31 -5.59 -40.52
C LEU D 95 -13.98 -5.40 -41.99
N GLN D 96 -15.02 -5.14 -42.80
CA GLN D 96 -14.88 -4.94 -44.23
C GLN D 96 -13.98 -3.75 -44.55
N GLY D 97 -14.15 -2.67 -43.78
CA GLY D 97 -13.37 -1.45 -43.89
C GLY D 97 -11.89 -1.70 -43.73
N VAL D 98 -11.50 -2.50 -42.72
CA VAL D 98 -10.13 -2.91 -42.41
C VAL D 98 -9.52 -3.72 -43.57
N CYS D 99 -10.23 -4.76 -44.05
CA CYS D 99 -9.77 -5.61 -45.15
C CYS D 99 -9.56 -4.81 -46.41
N ASP D 100 -10.51 -3.92 -46.73
CA ASP D 100 -10.44 -3.06 -47.90
C ASP D 100 -9.23 -2.13 -47.83
N THR D 101 -8.95 -1.59 -46.62
CA THR D 101 -7.80 -0.73 -46.33
C THR D 101 -6.50 -1.49 -46.58
N VAL D 102 -6.41 -2.72 -46.05
CA VAL D 102 -5.24 -3.60 -46.19
C VAL D 102 -5.00 -3.88 -47.68
N LEU D 103 -6.02 -4.38 -48.38
CA LEU D 103 -5.94 -4.71 -49.81
C LEU D 103 -5.67 -3.51 -50.67
N GLY D 104 -6.19 -2.36 -50.25
CA GLY D 104 -5.98 -1.07 -50.90
C GLY D 104 -4.53 -0.63 -50.79
N LEU D 105 -3.88 -0.93 -49.61
CA LEU D 105 -2.46 -0.65 -49.33
C LEU D 105 -1.53 -1.63 -50.04
N LEU D 106 -1.89 -2.94 -50.05
CA LEU D 106 -1.13 -4.00 -50.69
C LEU D 106 -1.07 -3.74 -52.18
N ASP D 107 -2.19 -3.28 -52.78
CA ASP D 107 -2.25 -2.95 -54.20
C ASP D 107 -1.48 -1.64 -54.53
N SER D 108 -1.90 -0.51 -53.90
CA SER D 108 -1.38 0.80 -54.20
C SER D 108 -0.65 1.51 -53.05
N HIS D 109 0.67 1.40 -52.98
CA HIS D 109 1.45 0.54 -53.83
C HIS D 109 2.32 -0.18 -52.82
N LEU D 110 2.47 -1.51 -53.02
CA LEU D 110 3.25 -2.42 -52.16
C LEU D 110 3.61 -3.71 -52.90
N ILE D 111 2.60 -4.30 -53.58
CA ILE D 111 2.63 -5.54 -54.35
C ILE D 111 3.37 -5.27 -55.66
N LYS D 112 3.07 -4.10 -56.24
CA LYS D 112 3.68 -3.60 -57.46
C LYS D 112 4.97 -2.79 -57.17
N GLU D 113 5.14 -2.36 -55.88
CA GLU D 113 6.27 -1.58 -55.28
C GLU D 113 7.47 -2.48 -54.81
N ALA D 114 7.24 -3.80 -54.50
CA ALA D 114 8.27 -4.79 -54.08
C ALA D 114 9.12 -5.32 -55.30
N GLY D 115 10.45 -5.43 -55.13
CA GLY D 115 11.38 -5.90 -56.18
C GLY D 115 11.74 -7.38 -56.07
N ASP D 116 12.30 -7.77 -54.89
CA ASP D 116 12.73 -9.10 -54.45
C ASP D 116 11.60 -10.13 -54.45
N ALA D 117 11.88 -11.40 -54.71
CA ALA D 117 10.87 -12.46 -54.79
C ALA D 117 10.28 -12.91 -53.45
N GLU D 118 11.10 -13.03 -52.39
CA GLU D 118 10.67 -13.44 -51.04
C GLU D 118 9.61 -12.46 -50.49
N SER D 119 9.87 -11.16 -50.70
CA SER D 119 9.01 -10.05 -50.30
C SER D 119 7.71 -10.09 -51.12
N ARG D 120 7.82 -10.21 -52.48
CA ARG D 120 6.68 -10.27 -53.40
C ARG D 120 5.72 -11.41 -53.02
N VAL D 121 6.28 -12.59 -52.61
CA VAL D 121 5.51 -13.77 -52.15
C VAL D 121 4.78 -13.44 -50.82
N PHE D 122 5.49 -12.76 -49.87
CA PHE D 122 4.96 -12.33 -48.57
C PHE D 122 3.68 -11.49 -48.73
N TYR D 123 3.73 -10.49 -49.62
CA TYR D 123 2.63 -9.58 -49.90
C TYR D 123 1.50 -10.23 -50.64
N LEU D 124 1.78 -11.10 -51.63
CA LEU D 124 0.75 -11.81 -52.37
C LEU D 124 0.02 -12.87 -51.50
N LYS D 125 0.73 -13.44 -50.51
CA LYS D 125 0.16 -14.37 -49.53
C LYS D 125 -0.82 -13.55 -48.68
N MET D 126 -0.37 -12.37 -48.19
CA MET D 126 -1.17 -11.43 -47.41
C MET D 126 -2.44 -11.00 -48.18
N LYS D 127 -2.30 -10.75 -49.48
CA LYS D 127 -3.43 -10.39 -50.36
C LYS D 127 -4.46 -11.53 -50.44
N GLY D 128 -4.00 -12.76 -50.53
CA GLY D 128 -4.92 -13.89 -50.55
C GLY D 128 -5.61 -14.03 -49.20
N ASP D 129 -4.83 -13.86 -48.11
CA ASP D 129 -5.29 -13.92 -46.71
C ASP D 129 -6.41 -12.94 -46.45
N TYR D 130 -6.28 -11.67 -46.90
CA TYR D 130 -7.30 -10.64 -46.63
C TYR D 130 -8.57 -10.77 -47.50
N TYR D 131 -8.43 -11.34 -48.71
CA TYR D 131 -9.60 -11.63 -49.55
C TYR D 131 -10.31 -12.81 -48.94
N ARG D 132 -9.54 -13.77 -48.40
CA ARG D 132 -10.07 -14.94 -47.73
C ARG D 132 -10.90 -14.51 -46.50
N TYR D 133 -10.46 -13.46 -45.79
CA TYR D 133 -11.19 -12.93 -44.63
C TYR D 133 -12.51 -12.33 -45.05
N LEU D 134 -12.51 -11.58 -46.15
CA LEU D 134 -13.74 -11.01 -46.69
C LEU D 134 -14.76 -12.07 -47.09
N ALA D 135 -14.29 -13.22 -47.59
CA ALA D 135 -15.19 -14.28 -48.04
C ALA D 135 -15.90 -14.96 -46.87
N GLU D 136 -15.31 -14.88 -45.67
CA GLU D 136 -15.90 -15.48 -44.49
C GLU D 136 -17.29 -14.90 -44.22
N VAL D 137 -17.35 -13.58 -44.12
CA VAL D 137 -18.60 -12.89 -43.84
C VAL D 137 -19.57 -13.01 -45.05
N ALA D 138 -19.06 -12.83 -46.31
CA ALA D 138 -19.80 -12.90 -47.60
C ALA D 138 -20.49 -14.25 -47.79
N THR D 139 -21.69 -14.23 -48.43
CA THR D 139 -22.47 -15.47 -48.62
C THR D 139 -23.01 -15.68 -50.00
N GLY D 140 -23.47 -14.61 -50.64
CA GLY D 140 -24.14 -14.69 -51.92
C GLY D 140 -23.30 -15.13 -53.10
N ASP D 141 -23.71 -14.62 -54.28
CA ASP D 141 -23.04 -14.81 -55.56
C ASP D 141 -21.65 -14.23 -55.45
N ASP D 142 -21.48 -13.26 -54.52
CA ASP D 142 -20.26 -12.55 -54.20
C ASP D 142 -19.19 -13.44 -53.58
N LYS D 143 -19.58 -14.46 -52.77
CA LYS D 143 -18.60 -15.34 -52.13
C LYS D 143 -17.60 -15.96 -53.13
N LYS D 144 -18.09 -16.45 -54.28
CA LYS D 144 -17.33 -17.07 -55.36
C LYS D 144 -16.24 -16.15 -55.95
N ARG D 145 -16.62 -14.90 -56.31
CA ARG D 145 -15.72 -13.88 -56.86
C ARG D 145 -14.57 -13.62 -55.89
N ILE D 146 -14.91 -13.37 -54.61
CA ILE D 146 -13.98 -13.10 -53.54
C ILE D 146 -13.01 -14.27 -53.38
N ILE D 147 -13.50 -15.52 -53.31
CA ILE D 147 -12.66 -16.73 -53.23
C ILE D 147 -11.64 -16.74 -54.38
N ASP D 148 -12.11 -16.41 -55.59
CA ASP D 148 -11.29 -16.36 -56.78
C ASP D 148 -10.26 -15.26 -56.79
N SER D 149 -10.56 -14.13 -56.16
CA SER D 149 -9.60 -13.03 -56.06
C SER D 149 -8.48 -13.40 -55.10
N ALA D 150 -8.77 -14.18 -54.06
CA ALA D 150 -7.73 -14.63 -53.14
C ALA D 150 -6.87 -15.67 -53.84
N ARG D 151 -7.54 -16.61 -54.55
CA ARG D 151 -6.97 -17.71 -55.33
C ARG D 151 -5.94 -17.21 -56.34
N SER D 152 -6.34 -16.33 -57.28
CA SER D 152 -5.47 -15.74 -58.29
C SER D 152 -4.27 -14.97 -57.68
N ALA D 153 -4.43 -14.43 -56.45
CA ALA D 153 -3.39 -13.70 -55.69
C ALA D 153 -2.35 -14.66 -55.17
N TYR D 154 -2.81 -15.73 -54.49
CA TYR D 154 -1.98 -16.78 -53.94
C TYR D 154 -1.24 -17.49 -55.10
N GLN D 155 -1.93 -17.69 -56.26
CA GLN D 155 -1.38 -18.34 -57.48
C GLN D 155 -0.24 -17.53 -58.05
N GLU D 156 -0.39 -16.22 -58.06
CA GLU D 156 0.66 -15.32 -58.52
C GLU D 156 1.89 -15.50 -57.64
N ALA D 157 1.69 -15.67 -56.31
CA ALA D 157 2.74 -15.93 -55.33
C ALA D 157 3.35 -17.31 -55.54
N MET D 158 2.49 -18.30 -55.89
CA MET D 158 2.87 -19.69 -56.15
C MET D 158 3.80 -19.85 -57.34
N ASP D 159 3.53 -19.09 -58.38
CA ASP D 159 4.32 -19.14 -59.58
C ASP D 159 5.71 -18.64 -59.27
N ILE D 160 5.80 -17.51 -58.55
CA ILE D 160 7.06 -16.87 -58.20
C ILE D 160 7.99 -17.81 -57.45
N SER D 161 7.49 -18.52 -56.43
CA SER D 161 8.29 -19.46 -55.62
C SER D 161 8.93 -20.63 -56.41
N LYS D 162 8.31 -21.05 -57.50
CA LYS D 162 8.84 -22.14 -58.30
C LYS D 162 9.95 -21.66 -59.22
N LYS D 163 9.79 -20.45 -59.77
CA LYS D 163 10.72 -19.82 -60.70
C LYS D 163 11.84 -19.01 -60.01
N GLU D 164 11.79 -18.85 -58.67
CA GLU D 164 12.79 -18.06 -57.95
C GLU D 164 13.39 -18.74 -56.73
N MET D 165 12.71 -19.75 -56.17
CA MET D 165 13.15 -20.42 -54.95
C MET D 165 13.34 -21.93 -55.11
N PRO D 166 14.28 -22.53 -54.36
CA PRO D 166 14.48 -23.98 -54.46
C PRO D 166 13.25 -24.72 -53.93
N PRO D 167 12.98 -25.96 -54.40
CA PRO D 167 11.77 -26.67 -53.93
C PRO D 167 11.70 -27.01 -52.42
N THR D 168 12.84 -26.83 -51.71
CA THR D 168 12.98 -27.08 -50.28
C THR D 168 12.87 -25.81 -49.42
N ASN D 169 12.77 -24.63 -50.05
CA ASN D 169 12.63 -23.36 -49.34
C ASN D 169 11.35 -23.37 -48.48
N PRO D 170 11.45 -23.06 -47.17
CA PRO D 170 10.28 -23.15 -46.29
C PRO D 170 9.15 -22.20 -46.62
N ILE D 171 9.44 -20.99 -47.21
CA ILE D 171 8.40 -20.02 -47.62
C ILE D 171 7.58 -20.69 -48.74
N ARG D 172 8.29 -21.31 -49.74
CA ARG D 172 7.74 -22.03 -50.90
C ARG D 172 6.82 -23.18 -50.41
N LEU D 173 7.34 -23.97 -49.48
CA LEU D 173 6.64 -25.10 -48.92
C LEU D 173 5.41 -24.63 -48.17
N GLY D 174 5.59 -23.61 -47.30
CA GLY D 174 4.56 -23.03 -46.45
C GLY D 174 3.41 -22.51 -47.26
N LEU D 175 3.74 -21.81 -48.36
CA LEU D 175 2.81 -21.21 -49.31
C LEU D 175 1.98 -22.28 -50.01
N ALA D 176 2.66 -23.35 -50.49
CA ALA D 176 2.05 -24.47 -51.18
C ALA D 176 1.12 -25.22 -50.25
N LEU D 177 1.56 -25.46 -49.02
CA LEU D 177 0.77 -26.16 -48.00
C LEU D 177 -0.55 -25.41 -47.70
N ASN D 178 -0.47 -24.11 -47.48
CA ASN D 178 -1.63 -23.28 -47.23
C ASN D 178 -2.52 -23.17 -48.47
N PHE D 179 -1.92 -23.01 -49.66
CA PHE D 179 -2.71 -22.90 -50.89
C PHE D 179 -3.47 -24.21 -51.21
N SER D 180 -2.90 -25.39 -50.79
CA SER D 180 -3.55 -26.69 -50.96
C SER D 180 -4.72 -26.83 -49.95
N VAL D 181 -4.55 -26.33 -48.69
CA VAL D 181 -5.59 -26.30 -47.66
C VAL D 181 -6.77 -25.42 -48.17
N PHE D 182 -6.45 -24.26 -48.77
CA PHE D 182 -7.41 -23.34 -49.37
C PHE D 182 -8.23 -24.09 -50.43
N HIS D 183 -7.59 -24.86 -51.32
CA HIS D 183 -8.29 -25.64 -52.33
C HIS D 183 -9.23 -26.66 -51.70
N TYR D 184 -8.75 -27.46 -50.73
CA TYR D 184 -9.55 -28.50 -50.09
C TYR D 184 -10.74 -27.99 -49.30
N GLU D 185 -10.49 -27.06 -48.36
CA GLU D 185 -11.48 -26.55 -47.40
C GLU D 185 -12.36 -25.42 -47.85
N ILE D 186 -11.79 -24.44 -48.56
CA ILE D 186 -12.52 -23.23 -48.98
C ILE D 186 -13.17 -23.38 -50.34
N ALA D 187 -12.33 -23.60 -51.38
CA ALA D 187 -12.75 -23.71 -52.77
C ALA D 187 -13.50 -25.00 -53.06
N ASN D 188 -13.32 -25.99 -52.20
CA ASN D 188 -13.85 -27.35 -52.29
C ASN D 188 -13.52 -27.97 -53.66
N SER D 189 -12.21 -28.00 -53.96
CA SER D 189 -11.53 -28.59 -55.10
C SER D 189 -10.54 -29.61 -54.45
N PRO D 190 -11.05 -30.71 -53.86
CA PRO D 190 -10.16 -31.66 -53.18
C PRO D 190 -9.06 -32.26 -54.05
N GLU D 191 -9.34 -32.52 -55.34
CA GLU D 191 -8.40 -33.11 -56.32
C GLU D 191 -7.16 -32.25 -56.51
N GLU D 192 -7.38 -30.92 -56.74
CA GLU D 192 -6.36 -29.88 -56.91
C GLU D 192 -5.47 -29.77 -55.66
N ALA D 193 -6.09 -29.89 -54.47
CA ALA D 193 -5.45 -29.84 -53.18
C ALA D 193 -4.51 -31.05 -53.05
N ILE D 194 -5.03 -32.28 -53.24
CA ILE D 194 -4.27 -33.55 -53.19
C ILE D 194 -3.08 -33.52 -54.13
N SER D 195 -3.34 -33.18 -55.41
CA SER D 195 -2.35 -33.08 -56.46
C SER D 195 -1.21 -32.12 -56.08
N LEU D 196 -1.56 -30.87 -55.70
CA LEU D 196 -0.59 -29.83 -55.30
C LEU D 196 0.27 -30.29 -54.14
N ALA D 197 -0.36 -30.92 -53.13
CA ALA D 197 0.32 -31.41 -51.95
C ALA D 197 1.35 -32.47 -52.26
N LYS D 198 0.94 -33.48 -53.04
CA LYS D 198 1.83 -34.57 -53.39
C LYS D 198 3.03 -34.08 -54.21
N THR D 199 2.75 -33.24 -55.23
CA THR D 199 3.76 -32.64 -56.11
C THR D 199 4.81 -31.90 -55.30
N THR D 200 4.37 -31.01 -54.40
CA THR D 200 5.23 -30.20 -53.53
C THR D 200 6.12 -31.10 -52.68
N PHE D 201 5.53 -32.15 -52.13
CA PHE D 201 6.24 -33.11 -51.31
C PHE D 201 7.36 -33.79 -52.07
N ASP D 202 7.02 -34.46 -53.17
CA ASP D 202 7.95 -35.25 -53.99
C ASP D 202 9.13 -34.44 -54.57
N GLU D 203 8.88 -33.18 -54.94
CA GLU D 203 9.90 -32.26 -55.47
C GLU D 203 10.88 -31.81 -54.38
N ALA D 204 10.34 -31.53 -53.15
CA ALA D 204 11.13 -31.15 -51.98
C ALA D 204 11.91 -32.37 -51.51
N MET D 205 11.31 -33.57 -51.64
CA MET D 205 11.89 -34.87 -51.26
C MET D 205 13.19 -35.14 -52.01
N ALA D 206 13.17 -34.90 -53.33
CA ALA D 206 14.32 -35.11 -54.17
C ALA D 206 15.50 -34.20 -53.80
N ASP D 207 15.20 -33.04 -53.18
CA ASP D 207 16.19 -32.04 -52.84
C ASP D 207 16.55 -31.92 -51.35
N LEU D 208 16.22 -32.94 -50.54
CA LEU D 208 16.48 -32.91 -49.09
C LEU D 208 17.94 -32.80 -48.70
N HIS D 209 18.76 -33.62 -49.38
CA HIS D 209 20.20 -33.71 -49.18
C HIS D 209 20.92 -32.36 -49.34
N THR D 210 20.36 -31.45 -50.17
CA THR D 210 20.92 -30.12 -50.44
C THR D 210 20.62 -29.09 -49.33
N LEU D 211 19.77 -29.43 -48.34
CA LEU D 211 19.41 -28.51 -47.27
C LEU D 211 20.53 -28.25 -46.25
N SER D 212 20.55 -27.00 -45.70
CA SER D 212 21.48 -26.50 -44.68
C SER D 212 20.87 -26.79 -43.32
N GLU D 213 21.69 -26.78 -42.24
CA GLU D 213 21.29 -27.08 -40.86
C GLU D 213 20.01 -26.39 -40.38
N ASP D 214 19.91 -25.05 -40.57
CA ASP D 214 18.78 -24.24 -40.07
C ASP D 214 17.47 -24.51 -40.79
N SER D 215 17.50 -24.65 -42.12
CA SER D 215 16.34 -24.92 -42.94
C SER D 215 15.87 -26.37 -42.79
N TYR D 216 16.79 -27.32 -42.45
CA TYR D 216 16.58 -28.77 -42.24
C TYR D 216 15.42 -29.03 -41.33
N LYS D 217 15.32 -28.28 -40.22
CA LYS D 217 14.28 -28.39 -39.18
C LYS D 217 12.91 -27.93 -39.68
N ASP D 218 12.90 -26.70 -40.20
CA ASP D 218 11.72 -26.00 -40.69
C ASP D 218 11.07 -26.66 -41.87
N SER D 219 11.86 -27.04 -42.89
CA SER D 219 11.35 -27.66 -44.11
C SER D 219 10.78 -29.06 -43.87
N THR D 220 11.47 -29.89 -43.07
CA THR D 220 11.00 -31.25 -42.77
C THR D 220 9.73 -31.23 -41.97
N LEU D 221 9.58 -30.22 -41.10
CA LEU D 221 8.38 -30.05 -40.31
C LEU D 221 7.17 -29.81 -41.22
N ILE D 222 7.29 -28.92 -42.26
CA ILE D 222 6.24 -28.59 -43.24
C ILE D 222 5.88 -29.82 -44.07
N MET D 223 6.91 -30.61 -44.44
CA MET D 223 6.76 -31.85 -45.21
C MET D 223 6.02 -32.88 -44.41
N GLN D 224 6.12 -32.81 -43.08
CA GLN D 224 5.40 -33.71 -42.18
C GLN D 224 3.90 -33.40 -42.21
N LEU D 225 3.53 -32.11 -42.07
CA LEU D 225 2.14 -31.63 -42.10
C LEU D 225 1.53 -31.88 -43.46
N LEU D 226 2.39 -32.11 -44.47
CA LEU D 226 2.08 -32.46 -45.85
C LEU D 226 1.75 -33.95 -46.03
N ARG D 227 2.58 -34.85 -45.46
CA ARG D 227 2.35 -36.29 -45.51
C ARG D 227 1.18 -36.66 -44.59
N ASP D 228 0.87 -35.80 -43.58
CA ASP D 228 -0.27 -35.97 -42.66
C ASP D 228 -1.58 -35.62 -43.37
N ASN D 229 -1.65 -34.42 -43.97
CA ASN D 229 -2.80 -33.90 -44.71
C ASN D 229 -3.19 -34.85 -45.86
N LEU D 230 -2.22 -35.33 -46.66
CA LEU D 230 -2.46 -36.28 -47.76
C LEU D 230 -3.12 -37.56 -47.23
N THR D 231 -2.57 -38.12 -46.12
CA THR D 231 -3.07 -39.32 -45.43
C THR D 231 -4.52 -39.10 -44.97
N LEU D 232 -4.82 -37.90 -44.52
CA LEU D 232 -6.15 -37.51 -44.09
C LEU D 232 -7.08 -37.40 -45.30
N TRP D 233 -6.63 -36.75 -46.39
CA TRP D 233 -7.42 -36.46 -47.59
C TRP D 233 -7.72 -37.69 -48.45
N THR D 234 -7.06 -38.83 -48.20
CA THR D 234 -7.31 -40.08 -48.93
C THR D 234 -7.47 -41.28 -47.94
N UNK E 1 -4.03 -0.26 39.56
CA UNK E 1 -4.88 -1.34 39.06
C UNK E 1 -4.07 -2.44 38.33
N UNK E 2 -2.96 -2.92 38.97
CA UNK E 2 -2.01 -3.92 38.45
C UNK E 2 -2.37 -5.41 38.70
N UNK E 3 -1.60 -6.33 38.02
CA UNK E 3 -1.74 -7.80 38.06
C UNK E 3 -0.88 -8.52 39.13
N UNK E 4 0.30 -7.95 39.49
CA UNK E 4 1.24 -8.48 40.49
C UNK E 4 1.29 -7.60 41.75
C TRS F . -8.56 17.65 -17.28
C1 TRS F . -7.58 17.27 -16.16
C2 TRS F . -8.92 19.15 -17.20
C3 TRS F . -9.83 16.79 -17.20
N TRS F . -7.89 17.41 -18.60
O1 TRS F . -8.17 17.42 -14.86
O2 TRS F . -7.78 19.98 -17.11
O3 TRS F . -9.70 15.66 -16.34
P PO4 G . -2.90 3.55 41.22
O1 PO4 G . -2.00 4.28 40.12
O2 PO4 G . -3.92 4.60 41.86
O3 PO4 G . -1.98 3.01 42.33
O4 PO4 G . -3.73 2.36 40.53
S SO4 H . -5.79 -17.05 -40.22
O1 SO4 H . -5.68 -15.67 -39.67
O2 SO4 H . -4.48 -17.47 -40.69
O3 SO4 H . -6.72 -17.11 -41.32
O4 SO4 H . -6.30 -18.01 -39.24
#